data_6SUK
#
_entry.id   6SUK
#
_cell.length_a   107.935
_cell.length_b   107.935
_cell.length_c   112.841
_cell.angle_alpha   90.000
_cell.angle_beta   90.000
_cell.angle_gamma   120.000
#
_symmetry.space_group_name_H-M   'P 32 2 1'
#
loop_
_entity.id
_entity.type
_entity.pdbx_description
1 polymer Neprilysin
2 non-polymer 'ZINC ION'
3 non-polymer 2-acetamido-2-deoxy-beta-D-glucopyranose
4 non-polymer Omapatrilat
5 non-polymer DI(HYDROXYETHYL)ETHER
6 non-polymer 1,2-ETHANEDIOL
7 water water
#
_entity_poly.entity_id   1
_entity_poly.type   'polypeptide(L)'
_entity_poly.pdbx_seq_one_letter_code
;YDDGICKSSDCIKSAARLIQNMDATTEPCTDFFKYACGGWLKRNVIPETSSRYGNFDILRDELEVVLKDVLQEPKTEDIV
AVQKAKALYRSCINESAIDSRGGEPLLKLLPDIYGWPVATENWEQKYGASWTAEKAIAQLNSKYGKKVLINLFVGTDDKN
SVNHVIHIDQPRLGLPSRDYYECTGIYKEACTAYVDFMISVARLIRQEERLPIDENQLALEMNKVMELEKEIANATAKPE
DRNDPMLLYNKMTLAQIQNNFSLEINGKPFSWLNFTNEIMSTVNISITNEEDVVVYAPEYLTKLKPILTKYSARDLQNLM
SWRFIMDLVSSLSRTYKESRNAFRKALYGTTSETATWRRCANYVNGNMENAVGRLYVEAAFAGESKHVVEDLIAQIREVF
IQTLDDLTWMDAETKKRAEEKALAIKERIGYPDDIVSNDNKLNNEYLELNYKEDEYFENIIQNLKFSQSKQLKKLREKVD
KDEWISGAAVVNAFYSSGRNQIVFPAGILQPPFFSAQQSNSLNYGGIGMVIGHEITHGFDDNGRNFNKDGDLVDWWTQQS
ASNFKEQSQCMVYQYGNFSWDLAGGQHLNGINTLGENIADNGGLGQAYRAYQNYIKKNGEEKLLPGLDLNHKQLFFLNFA
QVWCGTYRPEYAVNSIKTDVHSPGNFRIIGTLQNSAEFSEAFHCRKNSYMNPEKKCRVW
;
_entity_poly.pdbx_strand_id   A
#
# COMPACT_ATOMS: atom_id res chain seq x y z
N ASP A 2 11.61 -16.33 -45.74
CA ASP A 2 10.96 -16.16 -44.45
C ASP A 2 11.40 -17.22 -43.46
N ASP A 3 12.22 -16.82 -42.48
CA ASP A 3 12.72 -17.73 -41.47
C ASP A 3 11.79 -17.85 -40.27
N GLY A 4 10.64 -17.18 -40.29
CA GLY A 4 9.67 -17.26 -39.22
C GLY A 4 9.92 -16.36 -38.03
N ILE A 5 10.95 -15.51 -38.09
CA ILE A 5 11.39 -14.73 -36.94
C ILE A 5 10.87 -13.31 -37.08
N CYS A 6 10.31 -12.77 -36.00
CA CYS A 6 9.93 -11.36 -35.96
C CYS A 6 11.18 -10.50 -35.91
N LYS A 7 11.23 -9.46 -36.74
CA LYS A 7 12.40 -8.58 -36.81
C LYS A 7 12.04 -7.12 -36.63
N SER A 8 10.86 -6.82 -36.09
CA SER A 8 10.47 -5.44 -35.87
C SER A 8 11.31 -4.82 -34.76
N SER A 9 11.39 -3.49 -34.77
CA SER A 9 12.06 -2.78 -33.69
C SER A 9 11.46 -3.13 -32.34
N ASP A 10 10.15 -3.40 -32.30
CA ASP A 10 9.49 -3.70 -31.03
C ASP A 10 9.84 -5.10 -30.55
N CYS A 11 9.94 -6.08 -31.47
CA CYS A 11 10.42 -7.40 -31.09
C CYS A 11 11.88 -7.34 -30.65
N ILE A 12 12.68 -6.48 -31.28
CA ILE A 12 14.09 -6.36 -30.93
C ILE A 12 14.24 -5.84 -29.51
N LYS A 13 13.46 -4.81 -29.14
CA LYS A 13 13.58 -4.26 -27.79
C LYS A 13 13.14 -5.27 -26.73
N SER A 14 12.05 -6.00 -26.99
CA SER A 14 11.63 -7.05 -26.06
C SER A 14 12.72 -8.11 -25.91
N ALA A 15 13.20 -8.64 -27.03
CA ALA A 15 14.18 -9.72 -26.98
C ALA A 15 15.43 -9.29 -26.21
N ALA A 16 15.94 -8.09 -26.49
CA ALA A 16 17.15 -7.63 -25.81
C ALA A 16 16.96 -7.59 -24.31
N ARG A 17 15.79 -7.12 -23.86
CA ARG A 17 15.52 -7.05 -22.43
C ARG A 17 15.44 -8.44 -21.81
N LEU A 18 14.73 -9.35 -22.46
CA LEU A 18 14.63 -10.72 -21.94
C LEU A 18 15.99 -11.38 -21.87
N ILE A 19 16.80 -11.22 -22.92
CA ILE A 19 18.13 -11.83 -22.95
C ILE A 19 19.01 -11.27 -21.85
N GLN A 20 18.98 -9.95 -21.67
CA GLN A 20 19.89 -9.32 -20.70
C GLN A 20 19.55 -9.70 -19.27
N ASN A 21 18.27 -9.95 -18.97
CA ASN A 21 17.88 -10.23 -17.59
C ASN A 21 18.09 -11.70 -17.21
N MET A 22 18.04 -12.60 -18.18
CA MET A 22 18.03 -14.03 -17.85
C MET A 22 19.45 -14.54 -17.67
N ASP A 23 19.55 -15.73 -17.08
CA ASP A 23 20.81 -16.46 -16.91
C ASP A 23 20.56 -17.87 -17.47
N ALA A 24 20.84 -18.05 -18.77
CA ALA A 24 20.54 -19.32 -19.41
C ALA A 24 21.47 -20.45 -18.96
N THR A 25 22.50 -20.15 -18.17
CA THR A 25 23.33 -21.22 -17.61
C THR A 25 22.65 -21.93 -16.45
N THR A 26 21.57 -21.37 -15.91
CA THR A 26 20.77 -22.04 -14.89
C THR A 26 19.65 -22.83 -15.56
N GLU A 27 19.44 -24.05 -15.07
CA GLU A 27 18.35 -24.89 -15.55
C GLU A 27 17.02 -24.33 -15.10
N PRO A 28 16.10 -24.01 -16.02
CA PRO A 28 14.82 -23.42 -15.57
C PRO A 28 14.04 -24.27 -14.59
N CYS A 29 14.20 -25.59 -14.62
CA CYS A 29 13.44 -26.47 -13.74
C CYS A 29 14.08 -26.65 -12.37
N THR A 30 15.27 -26.10 -12.15
CA THR A 30 15.91 -26.09 -10.84
C THR A 30 15.64 -24.81 -10.07
N ASP A 31 15.69 -23.66 -10.75
CA ASP A 31 15.42 -22.37 -10.10
C ASP A 31 15.07 -21.38 -11.21
N PHE A 32 13.76 -21.15 -11.40
CA PHE A 32 13.35 -20.26 -12.47
C PHE A 32 13.60 -18.80 -12.14
N PHE A 33 13.69 -18.44 -10.87
CA PHE A 33 14.08 -17.07 -10.51
C PHE A 33 15.47 -16.76 -11.04
N LYS A 34 16.43 -17.65 -10.79
CA LYS A 34 17.79 -17.44 -11.28
C LYS A 34 17.85 -17.50 -12.80
N TYR A 35 17.12 -18.45 -13.40
CA TYR A 35 17.07 -18.53 -14.85
C TYR A 35 16.52 -17.24 -15.46
N ALA A 36 15.40 -16.75 -14.93
CA ALA A 36 14.75 -15.59 -15.54
C ALA A 36 15.44 -14.28 -15.20
N CYS A 37 16.11 -14.22 -14.04
CA CYS A 37 16.58 -12.96 -13.48
C CYS A 37 18.06 -12.90 -13.15
N GLY A 38 18.79 -14.01 -13.33
CA GLY A 38 20.17 -14.05 -12.89
C GLY A 38 21.07 -13.03 -13.56
N GLY A 39 20.79 -12.70 -14.81
CA GLY A 39 21.55 -11.66 -15.49
C GLY A 39 21.31 -10.30 -14.90
N TRP A 40 20.05 -9.99 -14.59
CA TRP A 40 19.74 -8.74 -13.91
C TRP A 40 20.46 -8.65 -12.57
N LEU A 41 20.44 -9.74 -11.80
CA LEU A 41 21.05 -9.72 -10.47
C LEU A 41 22.55 -9.47 -10.54
N LYS A 42 23.24 -10.08 -11.51
CA LYS A 42 24.68 -9.87 -11.62
C LYS A 42 25.02 -8.44 -12.02
N ARG A 43 24.17 -7.80 -12.83
CA ARG A 43 24.48 -6.49 -13.36
C ARG A 43 24.14 -5.35 -12.40
N ASN A 44 23.26 -5.59 -11.42
CA ASN A 44 22.70 -4.51 -10.64
C ASN A 44 23.11 -4.58 -9.18
N VAL A 45 23.14 -3.40 -8.57
CA VAL A 45 23.36 -3.23 -7.14
C VAL A 45 22.27 -2.30 -6.64
N ILE A 46 21.67 -2.64 -5.51
CA ILE A 46 20.63 -1.77 -4.93
C ILE A 46 21.22 -0.39 -4.68
N PRO A 47 20.61 0.68 -5.19
CA PRO A 47 21.10 2.03 -4.89
C PRO A 47 21.10 2.32 -3.40
N GLU A 48 21.95 3.26 -3.00
CA GLU A 48 22.04 3.68 -1.60
C GLU A 48 20.73 4.24 -1.09
N THR A 49 19.87 4.74 -1.99
CA THR A 49 18.61 5.38 -1.62
C THR A 49 17.42 4.42 -1.68
N SER A 50 17.65 3.16 -2.08
CA SER A 50 16.57 2.18 -2.25
C SER A 50 16.67 1.08 -1.20
N SER A 51 15.52 0.68 -0.66
CA SER A 51 15.48 -0.50 0.19
C SER A 51 15.27 -1.77 -0.61
N ARG A 52 14.81 -1.63 -1.86
CA ARG A 52 14.52 -2.72 -2.77
C ARG A 52 14.81 -2.20 -4.18
N TYR A 53 15.23 -3.08 -5.07
CA TYR A 53 15.49 -2.68 -6.44
C TYR A 53 15.14 -3.84 -7.36
N GLY A 54 14.74 -3.52 -8.57
CA GLY A 54 14.22 -4.50 -9.50
C GLY A 54 13.43 -3.81 -10.58
N ASN A 55 12.83 -4.63 -11.44
N ASN A 55 12.88 -4.65 -11.48
CA ASN A 55 12.18 -4.05 -12.62
CA ASN A 55 12.09 -4.15 -12.60
C ASN A 55 10.94 -3.22 -12.25
C ASN A 55 11.07 -3.14 -12.11
N PHE A 56 10.30 -3.52 -11.11
CA PHE A 56 9.17 -2.70 -10.67
C PHE A 56 9.66 -1.34 -10.18
N ASP A 57 10.69 -1.35 -9.34
CA ASP A 57 11.25 -0.10 -8.84
C ASP A 57 11.83 0.74 -9.95
N ILE A 58 12.42 0.11 -10.97
CA ILE A 58 12.97 0.87 -12.10
C ILE A 58 11.86 1.56 -12.86
N LEU A 59 10.73 0.89 -13.08
CA LEU A 59 9.61 1.54 -13.75
C LEU A 59 9.11 2.74 -12.96
N ARG A 60 9.06 2.61 -11.63
CA ARG A 60 8.62 3.73 -10.81
C ARG A 60 9.63 4.87 -10.85
N ASP A 61 10.93 4.56 -10.83
CA ASP A 61 11.93 5.60 -10.99
C ASP A 61 11.77 6.31 -12.32
N GLU A 62 11.43 5.57 -13.38
CA GLU A 62 11.28 6.17 -14.71
C GLU A 62 10.01 7.00 -14.80
N LEU A 63 8.96 6.60 -14.10
CA LEU A 63 7.75 7.43 -14.06
C LEU A 63 8.05 8.76 -13.36
N GLU A 64 8.88 8.73 -12.31
CA GLU A 64 9.26 9.97 -11.63
C GLU A 64 9.95 10.95 -12.59
N VAL A 65 10.74 10.42 -13.52
CA VAL A 65 11.39 11.30 -14.51
C VAL A 65 10.34 12.05 -15.32
N VAL A 66 9.26 11.36 -15.71
CA VAL A 66 8.18 12.01 -16.45
C VAL A 66 7.53 13.08 -15.59
N LEU A 67 7.27 12.77 -14.31
CA LEU A 67 6.65 13.76 -13.43
C LEU A 67 7.51 15.01 -13.31
N LYS A 68 8.83 14.83 -13.16
CA LYS A 68 9.74 15.98 -13.16
C LYS A 68 9.56 16.82 -14.41
N ASP A 69 9.52 16.16 -15.57
CA ASP A 69 9.42 16.88 -16.84
C ASP A 69 8.13 17.70 -16.91
N VAL A 70 7.03 17.17 -16.39
CA VAL A 70 5.76 17.87 -16.55
C VAL A 70 5.46 18.86 -15.42
N LEU A 71 6.12 18.74 -14.27
CA LEU A 71 5.87 19.65 -13.16
C LEU A 71 6.83 20.84 -13.12
N GLN A 72 8.02 20.72 -13.72
CA GLN A 72 9.06 21.71 -13.45
C GLN A 72 9.00 22.94 -14.36
N GLU A 73 8.19 22.93 -15.42
CA GLU A 73 8.13 24.08 -16.31
C GLU A 73 6.73 24.66 -16.38
N PRO A 74 6.51 25.91 -15.96
CA PRO A 74 5.21 26.55 -16.19
C PRO A 74 4.86 26.63 -17.67
N LYS A 75 3.57 26.55 -17.96
CA LYS A 75 3.05 26.80 -19.30
C LYS A 75 1.95 27.84 -19.21
N THR A 76 1.87 28.69 -20.23
CA THR A 76 0.94 29.81 -20.20
C THR A 76 -0.50 29.34 -20.09
N GLU A 77 -0.84 28.23 -20.76
CA GLU A 77 -2.23 27.79 -20.83
C GLU A 77 -2.66 26.96 -19.63
N ASP A 78 -1.79 26.75 -18.65
CA ASP A 78 -2.11 25.89 -17.52
C ASP A 78 -3.32 26.38 -16.76
N ILE A 79 -4.27 25.47 -16.50
CA ILE A 79 -5.44 25.81 -15.69
C ILE A 79 -5.00 25.86 -14.24
N VAL A 80 -5.86 26.41 -13.36
CA VAL A 80 -5.47 26.67 -11.99
C VAL A 80 -5.06 25.37 -11.29
N ALA A 81 -5.77 24.27 -11.55
CA ALA A 81 -5.39 23.00 -10.93
C ALA A 81 -3.93 22.66 -11.22
N VAL A 82 -3.50 22.85 -12.46
CA VAL A 82 -2.13 22.54 -12.83
C VAL A 82 -1.17 23.54 -12.23
N GLN A 83 -1.54 24.83 -12.24
CA GLN A 83 -0.72 25.84 -11.58
C GLN A 83 -0.49 25.47 -10.12
N LYS A 84 -1.50 24.95 -9.45
CA LYS A 84 -1.34 24.61 -8.03
C LYS A 84 -0.38 23.45 -7.85
N ALA A 85 -0.48 22.43 -8.70
CA ALA A 85 0.43 21.30 -8.60
C ALA A 85 1.87 21.75 -8.82
N LYS A 86 2.09 22.65 -9.78
CA LYS A 86 3.45 23.10 -10.07
C LYS A 86 3.98 24.00 -8.97
N ALA A 87 3.11 24.85 -8.39
CA ALA A 87 3.53 25.68 -7.27
C ALA A 87 3.88 24.83 -6.06
N LEU A 88 3.10 23.77 -5.81
CA LEU A 88 3.40 22.86 -4.72
C LEU A 88 4.76 22.20 -4.95
N TYR A 89 4.99 21.71 -6.16
CA TYR A 89 6.27 21.12 -6.52
C TYR A 89 7.41 22.11 -6.25
N ARG A 90 7.27 23.35 -6.73
CA ARG A 90 8.33 24.33 -6.56
C ARG A 90 8.57 24.64 -5.09
N SER A 91 7.51 24.68 -4.28
CA SER A 91 7.69 24.93 -2.85
C SER A 91 8.47 23.79 -2.19
N CYS A 92 8.30 22.57 -2.69
CA CYS A 92 8.91 21.39 -2.11
C CYS A 92 10.40 21.30 -2.44
N ILE A 93 10.79 21.68 -3.66
CA ILE A 93 12.19 21.51 -4.06
C ILE A 93 13.07 22.67 -3.61
N ASN A 94 12.51 23.73 -3.05
CA ASN A 94 13.31 24.88 -2.65
C ASN A 94 13.88 24.63 -1.24
N GLU A 95 14.99 23.90 -1.20
CA GLU A 95 15.60 23.54 0.08
C GLU A 95 16.18 24.75 0.79
N SER A 96 16.65 25.76 0.03
CA SER A 96 17.17 26.97 0.64
C SER A 96 16.10 27.65 1.49
N ALA A 97 14.89 27.78 0.96
CA ALA A 97 13.80 28.37 1.73
C ALA A 97 13.43 27.52 2.92
N ILE A 98 13.42 26.20 2.76
CA ILE A 98 13.10 25.31 3.87
C ILE A 98 14.19 25.37 4.94
N ASP A 99 15.45 25.33 4.52
CA ASP A 99 16.54 25.32 5.50
C ASP A 99 16.59 26.62 6.29
N SER A 100 16.24 27.75 5.67
CA SER A 100 16.34 29.03 6.35
C SER A 100 15.32 29.17 7.47
N ARG A 101 14.28 28.32 7.50
N ARG A 101 14.29 28.32 7.50
CA ARG A 101 13.27 28.40 8.54
CA ARG A 101 13.26 28.38 8.53
C ARG A 101 13.57 27.50 9.73
C ARG A 101 13.54 27.48 9.71
N GLY A 102 14.58 26.64 9.64
CA GLY A 102 14.94 25.80 10.76
C GLY A 102 13.78 24.89 11.16
N GLY A 103 13.51 24.85 12.46
CA GLY A 103 12.35 24.16 12.98
C GLY A 103 11.20 25.06 13.32
N GLU A 104 11.31 26.35 13.03
CA GLU A 104 10.28 27.30 13.43
C GLU A 104 8.87 26.86 13.04
N PRO A 105 8.62 26.32 11.85
CA PRO A 105 7.24 25.90 11.53
C PRO A 105 6.70 24.85 12.49
N LEU A 106 7.54 23.95 12.97
CA LEU A 106 7.10 22.96 13.95
C LEU A 106 6.87 23.61 15.32
N LEU A 107 7.74 24.52 15.72
CA LEU A 107 7.56 25.22 16.99
C LEU A 107 6.23 25.96 17.02
N LYS A 108 5.87 26.64 15.93
CA LYS A 108 4.59 27.33 15.88
C LYS A 108 3.42 26.36 16.07
N LEU A 109 3.59 25.11 15.62
CA LEU A 109 2.48 24.16 15.56
C LEU A 109 2.27 23.46 16.89
N LEU A 110 3.31 23.28 17.70
CA LEU A 110 3.19 22.42 18.88
C LEU A 110 2.11 22.85 19.86
N PRO A 111 1.88 24.15 20.12
CA PRO A 111 0.78 24.51 21.03
C PRO A 111 -0.57 24.00 20.55
N ASP A 112 -0.73 23.79 19.25
CA ASP A 112 -2.00 23.36 18.69
C ASP A 112 -2.26 21.87 18.89
N ILE A 113 -1.25 21.10 19.31
CA ILE A 113 -1.44 19.68 19.61
C ILE A 113 -1.20 19.39 21.09
N TYR A 114 -1.30 20.40 21.93
CA TYR A 114 -1.07 20.28 23.37
C TYR A 114 0.40 20.03 23.70
N GLY A 115 1.29 20.53 22.84
CA GLY A 115 2.73 20.52 23.12
C GLY A 115 3.33 19.12 23.05
N TRP A 116 4.66 19.09 23.20
CA TRP A 116 5.41 17.84 23.37
C TRP A 116 6.12 17.95 24.72
N PRO A 117 5.63 17.28 25.77
CA PRO A 117 6.14 17.56 27.12
C PRO A 117 7.66 17.57 27.24
N VAL A 118 8.35 16.64 26.57
CA VAL A 118 9.79 16.52 26.75
C VAL A 118 10.51 17.77 26.27
N ALA A 119 9.92 18.49 25.30
CA ALA A 119 10.50 19.72 24.79
C ALA A 119 9.76 20.95 25.29
N THR A 120 9.03 20.83 26.40
CA THR A 120 8.24 21.90 26.95
C THR A 120 8.59 22.08 28.42
N GLU A 121 8.80 23.33 28.83
CA GLU A 121 8.96 23.63 30.24
C GLU A 121 7.59 23.81 30.88
N ASN A 122 7.40 23.21 32.06
CA ASN A 122 6.16 23.36 32.81
C ASN A 122 4.95 22.89 32.00
N TRP A 123 5.07 21.70 31.41
CA TRP A 123 3.99 21.19 30.57
C TRP A 123 2.69 21.05 31.36
N GLU A 124 2.78 20.56 32.60
CA GLU A 124 1.57 20.30 33.38
C GLU A 124 0.78 21.58 33.59
N GLN A 125 1.46 22.71 33.83
CA GLN A 125 0.75 23.96 34.05
C GLN A 125 0.21 24.55 32.75
N LYS A 126 0.98 24.45 31.66
CA LYS A 126 0.57 25.07 30.40
C LYS A 126 -0.56 24.28 29.74
N TYR A 127 -0.42 22.96 29.67
CA TYR A 127 -1.34 22.12 28.93
C TYR A 127 -2.04 21.05 29.76
N GLY A 128 -1.38 20.48 30.75
CA GLY A 128 -2.01 19.44 31.56
C GLY A 128 -3.29 19.91 32.23
N ALA A 129 -3.36 21.20 32.58
CA ALA A 129 -4.49 21.70 33.36
C ALA A 129 -5.82 21.45 32.66
N SER A 130 -5.88 21.67 31.35
CA SER A 130 -7.10 21.50 30.57
C SER A 130 -7.11 20.23 29.74
N TRP A 131 -6.03 19.45 29.79
CA TRP A 131 -5.87 18.29 28.94
C TRP A 131 -6.97 17.26 29.18
N THR A 132 -7.49 16.69 28.10
CA THR A 132 -8.30 15.48 28.17
C THR A 132 -7.88 14.57 27.02
N ALA A 133 -7.89 13.26 27.27
CA ALA A 133 -7.61 12.31 26.21
C ALA A 133 -8.55 12.53 25.03
N GLU A 134 -9.82 12.83 25.31
CA GLU A 134 -10.77 13.06 24.24
C GLU A 134 -10.32 14.19 23.33
N LYS A 135 -9.92 15.33 23.91
CA LYS A 135 -9.52 16.48 23.10
C LYS A 135 -8.16 16.27 22.45
N ALA A 136 -7.21 15.68 23.18
CA ALA A 136 -5.86 15.55 22.65
C ALA A 136 -5.82 14.56 21.48
N ILE A 137 -6.45 13.40 21.62
CA ILE A 137 -6.47 12.44 20.53
C ILE A 137 -7.25 13.02 19.35
N ALA A 138 -8.38 13.67 19.62
CA ALA A 138 -9.24 14.16 18.54
C ALA A 138 -8.57 15.26 17.74
N GLN A 139 -7.80 16.13 18.41
CA GLN A 139 -7.11 17.20 17.72
C GLN A 139 -6.14 16.65 16.67
N LEU A 140 -5.32 15.67 17.06
CA LEU A 140 -4.39 15.07 16.12
C LEU A 140 -5.13 14.40 14.97
N ASN A 141 -6.24 13.72 15.27
CA ASN A 141 -7.01 13.02 14.26
C ASN A 141 -7.67 13.98 13.29
N SER A 142 -8.46 14.92 13.81
CA SER A 142 -9.35 15.70 12.97
C SER A 142 -8.61 16.77 12.17
N LYS A 143 -7.60 17.38 12.76
CA LYS A 143 -6.88 18.47 12.11
C LYS A 143 -5.70 17.99 11.29
N TYR A 144 -5.04 16.90 11.70
CA TYR A 144 -3.80 16.49 11.07
C TYR A 144 -3.81 15.06 10.55
N GLY A 145 -4.93 14.35 10.66
CA GLY A 145 -5.00 13.00 10.15
C GLY A 145 -4.11 11.99 10.84
N LYS A 146 -3.62 12.31 12.04
CA LYS A 146 -2.73 11.44 12.79
C LYS A 146 -3.52 10.72 13.87
N LYS A 147 -3.58 9.39 13.76
CA LYS A 147 -4.40 8.57 14.66
C LYS A 147 -3.47 7.90 15.66
N VAL A 148 -3.62 8.26 16.94
CA VAL A 148 -2.80 7.70 18.02
C VAL A 148 -3.73 7.12 19.08
N LEU A 149 -3.31 5.99 19.65
CA LEU A 149 -4.02 5.28 20.73
C LEU A 149 -5.32 4.65 20.25
N ILE A 150 -6.24 5.45 19.71
CA ILE A 150 -7.51 4.96 19.21
C ILE A 150 -7.68 5.52 17.81
N ASN A 151 -7.84 4.63 16.83
CA ASN A 151 -7.97 5.02 15.43
C ASN A 151 -9.47 5.07 15.10
N LEU A 152 -10.01 6.28 15.05
CA LEU A 152 -11.39 6.52 14.63
C LEU A 152 -11.35 7.14 13.23
N PHE A 153 -12.09 6.54 12.29
CA PHE A 153 -12.13 7.08 10.94
C PHE A 153 -13.50 6.84 10.34
N VAL A 154 -13.81 7.63 9.32
CA VAL A 154 -15.00 7.44 8.50
C VAL A 154 -14.60 6.60 7.29
N GLY A 155 -15.32 5.50 7.08
CA GLY A 155 -15.09 4.66 5.92
C GLY A 155 -16.39 4.08 5.42
N THR A 156 -16.28 3.31 4.34
CA THR A 156 -17.45 2.62 3.79
C THR A 156 -17.92 1.54 4.74
N ASP A 157 -19.25 1.38 4.83
CA ASP A 157 -19.82 0.31 5.62
C ASP A 157 -19.64 -1.02 4.88
N ASP A 158 -18.86 -1.93 5.46
CA ASP A 158 -18.65 -3.22 4.82
C ASP A 158 -19.96 -3.91 4.47
N LYS A 159 -21.00 -3.72 5.28
CA LYS A 159 -22.27 -4.40 5.06
C LYS A 159 -23.31 -3.52 4.36
N ASN A 160 -22.95 -2.30 3.97
CA ASN A 160 -23.84 -1.48 3.13
C ASN A 160 -22.94 -0.53 2.34
N SER A 161 -22.49 -0.99 1.17
CA SER A 161 -21.42 -0.36 0.42
C SER A 161 -21.77 1.02 -0.14
N VAL A 162 -23.04 1.43 -0.09
CA VAL A 162 -23.37 2.79 -0.54
C VAL A 162 -23.24 3.81 0.58
N ASN A 163 -23.08 3.37 1.83
CA ASN A 163 -23.06 4.25 2.98
C ASN A 163 -21.66 4.32 3.58
N HIS A 164 -21.43 5.41 4.32
CA HIS A 164 -20.27 5.52 5.17
C HIS A 164 -20.70 5.35 6.63
N VAL A 165 -19.73 4.99 7.47
CA VAL A 165 -20.00 4.75 8.88
C VAL A 165 -18.70 4.98 9.65
N ILE A 166 -18.83 5.40 10.90
CA ILE A 166 -17.66 5.59 11.74
C ILE A 166 -17.09 4.23 12.12
N HIS A 167 -15.77 4.08 11.99
CA HIS A 167 -15.04 2.90 12.42
C HIS A 167 -14.13 3.23 13.60
N ILE A 168 -13.92 2.25 14.47
CA ILE A 168 -12.91 2.35 15.54
C ILE A 168 -11.99 1.13 15.42
N ASP A 169 -10.69 1.37 15.43
CA ASP A 169 -9.72 0.31 15.21
C ASP A 169 -8.47 0.59 16.04
N GLN A 170 -7.60 -0.41 16.11
CA GLN A 170 -6.31 -0.22 16.75
C GLN A 170 -5.42 0.70 15.89
N PRO A 171 -4.51 1.43 16.51
CA PRO A 171 -3.68 2.39 15.77
C PRO A 171 -2.41 1.77 15.23
N ARG A 172 -1.86 2.44 14.21
CA ARG A 172 -0.54 2.09 13.73
C ARG A 172 0.52 2.43 14.78
N LEU A 173 1.69 1.83 14.61
CA LEU A 173 2.81 1.97 15.54
C LEU A 173 3.94 2.74 14.87
N GLY A 174 4.84 3.28 15.70
CA GLY A 174 5.98 4.01 15.17
C GLY A 174 6.97 3.13 14.44
N LEU A 175 7.11 1.88 14.89
CA LEU A 175 7.93 0.89 14.20
C LEU A 175 7.07 0.09 13.23
N PRO A 176 7.69 -0.61 12.27
CA PRO A 176 6.91 -1.21 11.17
C PRO A 176 5.84 -2.20 11.61
N SER A 177 6.08 -2.96 12.67
CA SER A 177 5.10 -3.95 13.08
C SER A 177 5.26 -4.22 14.57
N ARG A 178 4.27 -4.90 15.13
CA ARG A 178 4.30 -5.19 16.56
C ARG A 178 5.49 -6.07 16.93
N ASP A 179 6.00 -6.86 16.00
CA ASP A 179 7.13 -7.74 16.30
C ASP A 179 8.36 -6.96 16.70
N TYR A 180 8.53 -5.74 16.17
CA TYR A 180 9.72 -4.97 16.45
C TYR A 180 9.88 -4.66 17.93
N TYR A 181 8.78 -4.59 18.66
CA TYR A 181 8.83 -4.18 20.06
C TYR A 181 9.37 -5.26 20.98
N GLU A 182 9.74 -6.43 20.44
CA GLU A 182 10.57 -7.36 21.20
C GLU A 182 11.94 -6.74 21.48
N CYS A 183 12.45 -5.97 20.51
CA CYS A 183 13.65 -5.15 20.67
C CYS A 183 14.89 -5.97 20.97
N THR A 184 14.92 -7.21 20.49
CA THR A 184 16.08 -8.07 20.63
C THR A 184 16.51 -8.57 19.25
N GLY A 185 17.73 -9.09 19.18
CA GLY A 185 18.22 -9.69 17.95
C GLY A 185 18.10 -8.79 16.75
N ILE A 186 17.37 -9.25 15.73
CA ILE A 186 17.24 -8.50 14.48
C ILE A 186 16.46 -7.20 14.64
N TYR A 187 15.79 -7.01 15.78
CA TYR A 187 15.03 -5.79 16.03
C TYR A 187 15.75 -4.80 16.91
N LYS A 188 16.90 -5.18 17.48
CA LYS A 188 17.53 -4.34 18.49
C LYS A 188 17.99 -3.01 17.91
N GLU A 189 18.66 -3.04 16.75
CA GLU A 189 19.15 -1.80 16.16
C GLU A 189 17.99 -0.84 15.90
N ALA A 190 16.86 -1.35 15.40
CA ALA A 190 15.71 -0.49 15.12
C ALA A 190 15.16 0.13 16.40
N CYS A 191 15.04 -0.65 17.47
CA CYS A 191 14.53 -0.10 18.72
C CYS A 191 15.48 0.95 19.28
N THR A 192 16.78 0.66 19.30
CA THR A 192 17.75 1.63 19.75
C THR A 192 17.67 2.91 18.93
N ALA A 193 17.62 2.77 17.60
CA ALA A 193 17.57 3.94 16.73
C ALA A 193 16.29 4.73 16.94
N TYR A 194 15.18 4.05 17.21
CA TYR A 194 13.90 4.72 17.44
C TYR A 194 13.98 5.68 18.63
N VAL A 195 14.51 5.20 19.75
CA VAL A 195 14.59 6.04 20.94
C VAL A 195 15.65 7.12 20.77
N ASP A 196 16.77 6.79 20.13
CA ASP A 196 17.78 7.82 19.83
C ASP A 196 17.19 8.91 18.95
N PHE A 197 16.31 8.53 18.02
CA PHE A 197 15.63 9.48 17.15
C PHE A 197 14.72 10.40 17.94
N MET A 198 13.90 9.83 18.84
CA MET A 198 13.14 10.63 19.79
C MET A 198 14.03 11.63 20.50
N ILE A 199 15.11 11.14 21.10
CA ILE A 199 16.00 11.98 21.89
C ILE A 199 16.61 13.08 21.02
N SER A 200 17.03 12.74 19.80
CA SER A 200 17.68 13.71 18.95
C SER A 200 16.74 14.86 18.58
N VAL A 201 15.48 14.54 18.29
CA VAL A 201 14.54 15.59 17.91
C VAL A 201 14.17 16.44 19.12
N ALA A 202 13.92 15.80 20.27
CA ALA A 202 13.68 16.55 21.50
C ALA A 202 14.85 17.50 21.78
N ARG A 203 16.07 17.02 21.57
CA ARG A 203 17.24 17.86 21.81
C ARG A 203 17.27 19.05 20.86
N LEU A 204 16.99 18.82 19.58
CA LEU A 204 17.00 19.91 18.61
C LEU A 204 15.94 20.97 18.96
N ILE A 205 14.73 20.53 19.31
CA ILE A 205 13.68 21.48 19.65
C ILE A 205 14.08 22.31 20.86
N ARG A 206 14.59 21.65 21.92
CA ARG A 206 14.98 22.38 23.12
C ARG A 206 16.11 23.36 22.82
N GLN A 207 17.07 22.95 21.97
CA GLN A 207 18.14 23.85 21.57
C GLN A 207 17.59 25.09 20.87
N GLU A 208 16.67 24.90 19.92
CA GLU A 208 16.13 26.02 19.16
C GLU A 208 15.27 26.92 20.03
N GLU A 209 14.62 26.35 21.05
CA GLU A 209 13.85 27.14 22.01
C GLU A 209 14.72 27.71 23.14
N ARG A 210 16.04 27.45 23.11
CA ARG A 210 16.95 27.93 24.14
C ARG A 210 16.58 27.39 25.52
N LEU A 211 16.25 26.10 25.58
CA LEU A 211 16.01 25.47 26.86
C LEU A 211 17.21 24.63 27.28
N PRO A 212 17.44 24.43 28.57
CA PRO A 212 18.58 23.59 28.99
C PRO A 212 18.39 22.15 28.56
N ILE A 213 19.50 21.48 28.29
CA ILE A 213 19.53 20.09 27.88
C ILE A 213 20.04 19.26 29.05
N ASP A 214 19.23 18.32 29.52
CA ASP A 214 19.62 17.33 30.51
C ASP A 214 19.54 15.97 29.81
N GLU A 215 20.69 15.45 29.37
CA GLU A 215 20.69 14.24 28.55
C GLU A 215 20.04 13.08 29.29
N ASN A 216 20.27 12.98 30.61
CA ASN A 216 19.68 11.87 31.36
C ASN A 216 18.16 12.00 31.44
N GLN A 217 17.65 13.23 31.60
CA GLN A 217 16.21 13.44 31.62
C GLN A 217 15.59 13.08 30.27
N LEU A 218 16.23 13.49 29.17
CA LEU A 218 15.70 13.16 27.85
C LEU A 218 15.59 11.65 27.68
N ALA A 219 16.64 10.92 28.08
CA ALA A 219 16.62 9.46 27.93
C ALA A 219 15.57 8.83 28.82
N LEU A 220 15.37 9.39 30.02
CA LEU A 220 14.35 8.86 30.92
C LEU A 220 12.96 8.98 30.31
N GLU A 221 12.63 10.16 29.78
CA GLU A 221 11.30 10.38 29.24
C GLU A 221 11.07 9.57 27.97
N MET A 222 12.06 9.54 27.07
CA MET A 222 11.85 8.87 25.80
C MET A 222 11.87 7.36 25.94
N ASN A 223 12.62 6.82 26.91
CA ASN A 223 12.50 5.39 27.17
C ASN A 223 11.14 5.05 27.77
N LYS A 224 10.52 5.99 28.50
CA LYS A 224 9.17 5.78 28.97
C LYS A 224 8.17 5.81 27.83
N VAL A 225 8.44 6.59 26.79
CA VAL A 225 7.61 6.55 25.59
C VAL A 225 7.69 5.16 24.96
N MET A 226 8.90 4.60 24.88
CA MET A 226 9.06 3.27 24.31
C MET A 226 8.36 2.22 25.16
N GLU A 227 8.47 2.31 26.50
CA GLU A 227 7.81 1.34 27.34
C GLU A 227 6.30 1.40 27.16
N LEU A 228 5.75 2.61 27.02
CA LEU A 228 4.32 2.75 26.76
C LEU A 228 3.95 2.11 25.43
N GLU A 229 4.66 2.47 24.36
CA GLU A 229 4.26 1.95 23.05
C GLU A 229 4.48 0.45 22.97
N LYS A 230 5.44 -0.12 23.72
CA LYS A 230 5.57 -1.56 23.78
C LYS A 230 4.28 -2.20 24.29
N GLU A 231 3.68 -1.63 25.34
CA GLU A 231 2.43 -2.16 25.87
C GLU A 231 1.30 -2.01 24.86
N ILE A 232 1.24 -0.85 24.19
CA ILE A 232 0.26 -0.66 23.13
C ILE A 232 0.44 -1.72 22.05
N ALA A 233 1.68 -1.90 21.59
CA ALA A 233 1.93 -2.87 20.53
C ALA A 233 1.49 -4.26 20.93
N ASN A 234 1.85 -4.70 22.13
CA ASN A 234 1.52 -6.04 22.57
C ASN A 234 0.00 -6.22 22.72
N ALA A 235 -0.73 -5.12 22.92
CA ALA A 235 -2.19 -5.19 22.99
C ALA A 235 -2.84 -5.31 21.62
N THR A 236 -2.16 -4.90 20.55
CA THR A 236 -2.78 -4.95 19.23
C THR A 236 -2.92 -6.40 18.77
N ALA A 237 -3.90 -6.62 17.89
CA ALA A 237 -4.11 -7.92 17.30
C ALA A 237 -3.15 -8.14 16.14
N LYS A 238 -2.66 -9.37 16.00
CA LYS A 238 -1.79 -9.72 14.90
C LYS A 238 -2.57 -9.67 13.59
N PRO A 239 -1.87 -9.47 12.47
CA PRO A 239 -2.57 -9.50 11.18
C PRO A 239 -3.28 -10.83 10.92
N GLU A 240 -2.70 -11.94 11.37
CA GLU A 240 -3.32 -13.25 11.17
C GLU A 240 -4.69 -13.33 11.83
N ASP A 241 -4.92 -12.56 12.88
CA ASP A 241 -6.17 -12.58 13.63
C ASP A 241 -7.13 -11.48 13.16
N ARG A 242 -6.82 -10.83 12.04
CA ARG A 242 -7.65 -9.77 11.48
C ARG A 242 -8.00 -10.05 10.02
N ASN A 243 -7.84 -11.30 9.58
CA ASN A 243 -7.94 -11.65 8.17
C ASN A 243 -9.32 -12.13 7.77
N ASP A 244 -10.24 -12.29 8.71
CA ASP A 244 -11.61 -12.71 8.40
C ASP A 244 -12.53 -11.51 8.52
N PRO A 245 -12.92 -10.87 7.42
CA PRO A 245 -13.72 -9.64 7.54
C PRO A 245 -15.05 -9.84 8.22
N MET A 246 -15.62 -11.05 8.15
CA MET A 246 -16.87 -11.32 8.86
C MET A 246 -16.68 -11.22 10.36
N LEU A 247 -15.56 -11.73 10.88
CA LEU A 247 -15.31 -11.65 12.32
C LEU A 247 -14.83 -10.27 12.74
N LEU A 248 -14.17 -9.54 11.84
CA LEU A 248 -13.67 -8.22 12.18
C LEU A 248 -14.81 -7.22 12.35
N TYR A 249 -15.91 -7.41 11.62
CA TYR A 249 -17.02 -6.47 11.60
C TYR A 249 -17.85 -6.65 12.86
N ASN A 250 -17.85 -5.63 13.73
CA ASN A 250 -18.68 -5.63 14.94
C ASN A 250 -19.40 -4.28 15.01
N LYS A 251 -20.65 -4.23 14.59
CA LYS A 251 -21.40 -2.98 14.60
C LYS A 251 -22.15 -2.85 15.92
N MET A 252 -22.05 -1.69 16.55
CA MET A 252 -22.74 -1.42 17.80
C MET A 252 -22.90 0.08 17.94
N THR A 253 -23.81 0.48 18.83
CA THR A 253 -24.04 1.89 19.06
C THR A 253 -22.91 2.46 19.93
N LEU A 254 -22.81 3.80 19.93
CA LEU A 254 -21.87 4.47 20.82
C LEU A 254 -22.21 4.23 22.29
N ALA A 255 -23.50 4.09 22.59
CA ALA A 255 -23.89 3.74 23.95
C ALA A 255 -23.37 2.36 24.32
N GLN A 256 -23.49 1.40 23.41
CA GLN A 256 -22.90 0.08 23.61
C GLN A 256 -21.40 0.19 23.83
N ILE A 257 -20.72 0.96 22.96
CA ILE A 257 -19.28 1.15 23.10
C ILE A 257 -18.94 1.68 24.47
N GLN A 258 -19.73 2.63 24.98
CA GLN A 258 -19.48 3.17 26.30
C GLN A 258 -19.68 2.13 27.39
N ASN A 259 -20.75 1.33 27.26
CA ASN A 259 -21.02 0.29 28.25
C ASN A 259 -19.92 -0.78 28.24
N ASN A 260 -19.40 -1.12 27.07
CA ASN A 260 -18.57 -2.31 26.93
C ASN A 260 -17.08 -2.03 26.88
N PHE A 261 -16.65 -0.80 26.58
CA PHE A 261 -15.23 -0.49 26.45
C PHE A 261 -14.90 0.80 27.19
N SER A 262 -15.15 0.80 28.49
CA SER A 262 -14.81 1.94 29.32
C SER A 262 -13.29 2.09 29.42
N LEU A 263 -12.85 3.34 29.58
CA LEU A 263 -11.44 3.65 29.73
C LEU A 263 -11.29 4.74 30.78
N GLU A 264 -10.28 4.60 31.62
CA GLU A 264 -9.91 5.62 32.60
C GLU A 264 -8.53 6.12 32.22
N ILE A 265 -8.44 7.38 31.82
CA ILE A 265 -7.21 7.97 31.35
C ILE A 265 -6.98 9.26 32.13
N ASN A 266 -5.76 9.42 32.66
CA ASN A 266 -5.45 10.58 33.47
C ASN A 266 -6.46 10.74 34.61
N GLY A 267 -7.00 9.62 35.08
CA GLY A 267 -7.94 9.62 36.19
C GLY A 267 -9.37 9.99 35.85
N LYS A 268 -9.66 10.24 34.56
CA LYS A 268 -10.97 10.70 34.10
C LYS A 268 -11.66 9.61 33.30
N PRO A 269 -12.95 9.36 33.52
CA PRO A 269 -13.68 8.43 32.65
C PRO A 269 -13.69 8.95 31.21
N PHE A 270 -13.34 8.08 30.28
CA PHE A 270 -13.30 8.45 28.87
C PHE A 270 -14.71 8.46 28.30
N SER A 271 -15.10 9.59 27.70
CA SER A 271 -16.42 9.73 27.10
C SER A 271 -16.28 9.50 25.60
N TRP A 272 -16.73 8.33 25.14
CA TRP A 272 -16.68 8.03 23.72
C TRP A 272 -17.48 9.05 22.91
N LEU A 273 -18.63 9.47 23.43
CA LEU A 273 -19.46 10.45 22.72
C LEU A 273 -18.73 11.78 22.59
N ASN A 274 -18.09 12.24 23.66
CA ASN A 274 -17.32 13.47 23.62
C ASN A 274 -16.17 13.35 22.63
N PHE A 275 -15.45 12.22 22.68
CA PHE A 275 -14.35 11.99 21.75
C PHE A 275 -14.84 12.03 20.31
N THR A 276 -15.95 11.36 20.01
CA THR A 276 -16.48 11.33 18.66
C THR A 276 -16.91 12.72 18.20
N ASN A 277 -17.60 13.47 19.08
CA ASN A 277 -18.05 14.80 18.69
C ASN A 277 -16.90 15.78 18.57
N GLU A 278 -15.86 15.64 19.39
CA GLU A 278 -14.69 16.50 19.24
C GLU A 278 -14.09 16.35 17.84
N ILE A 279 -14.21 15.17 17.23
CA ILE A 279 -13.72 14.95 15.88
C ILE A 279 -14.73 15.43 14.85
N MET A 280 -15.98 14.94 14.93
CA MET A 280 -16.96 15.22 13.90
C MET A 280 -17.40 16.68 13.90
N SER A 281 -17.26 17.39 15.02
CA SER A 281 -17.64 18.79 15.06
C SER A 281 -16.81 19.62 14.09
N THR A 282 -15.58 19.19 13.77
CA THR A 282 -14.75 19.95 12.85
C THR A 282 -15.36 20.03 11.46
N VAL A 283 -16.33 19.15 11.15
CA VAL A 283 -17.06 19.23 9.89
C VAL A 283 -18.55 19.41 10.19
N ASN A 284 -18.86 20.04 11.32
CA ASN A 284 -20.22 20.44 11.67
C ASN A 284 -21.20 19.26 11.58
N ILE A 285 -20.81 18.15 12.19
CA ILE A 285 -21.67 16.97 12.29
C ILE A 285 -21.83 16.59 13.75
N SER A 286 -23.08 16.48 14.19
CA SER A 286 -23.43 16.16 15.56
C SER A 286 -23.68 14.65 15.70
N ILE A 287 -23.26 14.09 16.82
CA ILE A 287 -23.34 12.65 17.08
C ILE A 287 -23.99 12.43 18.44
N THR A 288 -24.96 11.51 18.49
CA THR A 288 -25.61 11.11 19.73
C THR A 288 -25.25 9.65 20.04
N ASN A 289 -25.80 9.15 21.15
CA ASN A 289 -25.33 7.87 21.70
C ASN A 289 -25.89 6.66 20.97
N GLU A 290 -26.81 6.84 20.02
CA GLU A 290 -27.30 5.73 19.21
C GLU A 290 -26.66 5.67 17.84
N GLU A 291 -25.62 6.48 17.59
CA GLU A 291 -24.85 6.37 16.36
C GLU A 291 -24.24 4.97 16.25
N ASP A 292 -24.41 4.35 15.08
CA ASP A 292 -23.80 3.06 14.83
C ASP A 292 -22.32 3.22 14.51
N VAL A 293 -21.50 2.31 15.03
CA VAL A 293 -20.05 2.33 14.83
C VAL A 293 -19.60 0.91 14.56
N VAL A 294 -18.61 0.77 13.67
CA VAL A 294 -18.01 -0.52 13.38
C VAL A 294 -16.69 -0.59 14.15
N VAL A 295 -16.62 -1.53 15.10
CA VAL A 295 -15.46 -1.69 15.96
C VAL A 295 -14.65 -2.87 15.43
N TYR A 296 -13.51 -2.57 14.82
CA TYR A 296 -12.65 -3.61 14.27
C TYR A 296 -11.74 -4.25 15.30
N ALA A 297 -11.56 -3.65 16.47
CA ALA A 297 -10.56 -4.11 17.44
C ALA A 297 -11.13 -4.08 18.85
N PRO A 298 -12.22 -4.82 19.09
CA PRO A 298 -12.78 -4.85 20.45
C PRO A 298 -11.80 -5.38 21.49
N GLU A 299 -11.04 -6.43 21.19
CA GLU A 299 -10.09 -6.96 22.17
C GLU A 299 -9.05 -5.93 22.52
N TYR A 300 -8.60 -5.14 21.54
CA TYR A 300 -7.59 -4.13 21.80
C TYR A 300 -8.09 -3.08 22.80
N LEU A 301 -9.32 -2.60 22.59
CA LEU A 301 -9.89 -1.63 23.53
C LEU A 301 -9.99 -2.21 24.93
N THR A 302 -10.40 -3.48 25.03
CA THR A 302 -10.46 -4.12 26.34
C THR A 302 -9.09 -4.18 26.99
N LYS A 303 -8.06 -4.53 26.22
CA LYS A 303 -6.71 -4.59 26.75
C LYS A 303 -6.15 -3.22 27.08
N LEU A 304 -6.66 -2.18 26.44
CA LEU A 304 -6.15 -0.82 26.67
C LEU A 304 -6.53 -0.31 28.05
N LYS A 305 -7.62 -0.83 28.63
CA LYS A 305 -8.10 -0.26 29.90
C LYS A 305 -7.06 -0.35 30.98
N PRO A 306 -6.51 -1.51 31.34
CA PRO A 306 -5.50 -1.55 32.41
C PRO A 306 -4.18 -0.91 32.01
N ILE A 307 -3.89 -0.77 30.72
CA ILE A 307 -2.65 -0.13 30.29
C ILE A 307 -2.68 1.36 30.63
N LEU A 308 -3.73 2.05 30.19
CA LEU A 308 -3.75 3.51 30.26
C LEU A 308 -3.98 4.04 31.67
N THR A 309 -4.48 3.23 32.59
CA THR A 309 -4.60 3.69 33.97
C THR A 309 -3.23 3.87 34.64
N LYS A 310 -2.17 3.33 34.04
CA LYS A 310 -0.84 3.37 34.64
C LYS A 310 -0.03 4.59 34.20
N TYR A 311 -0.54 5.37 33.26
CA TYR A 311 0.23 6.44 32.64
C TYR A 311 -0.43 7.79 32.86
N SER A 312 0.39 8.83 32.94
CA SER A 312 -0.09 10.18 33.12
C SER A 312 -0.45 10.81 31.78
N ALA A 313 -1.16 11.94 31.86
CA ALA A 313 -1.38 12.76 30.67
C ALA A 313 -0.05 13.08 29.98
N ARG A 314 0.96 13.42 30.77
CA ARG A 314 2.27 13.75 30.22
C ARG A 314 2.86 12.57 29.46
N ASP A 315 2.83 11.37 30.06
CA ASP A 315 3.36 10.19 29.40
C ASP A 315 2.68 9.95 28.06
N LEU A 316 1.34 10.08 28.03
CA LEU A 316 0.59 9.83 26.81
C LEU A 316 0.91 10.87 25.75
N GLN A 317 0.95 12.15 26.13
CA GLN A 317 1.21 13.19 25.14
C GLN A 317 2.63 13.11 24.59
N ASN A 318 3.58 12.62 25.39
CA ASN A 318 4.94 12.44 24.89
C ASN A 318 4.96 11.45 23.73
N LEU A 319 4.16 10.38 23.82
CA LEU A 319 4.04 9.46 22.70
C LEU A 319 3.19 10.04 21.58
N MET A 320 2.06 10.67 21.94
CA MET A 320 1.11 11.12 20.93
C MET A 320 1.74 12.18 20.02
N SER A 321 2.37 13.19 20.61
CA SER A 321 2.99 14.23 19.79
C SER A 321 4.20 13.69 19.04
N TRP A 322 4.97 12.79 19.66
CA TRP A 322 6.10 12.19 18.95
C TRP A 322 5.65 11.50 17.67
N ARG A 323 4.55 10.75 17.73
CA ARG A 323 4.09 10.03 16.56
C ARG A 323 3.75 10.97 15.41
N PHE A 324 3.37 12.22 15.72
CA PHE A 324 3.17 13.22 14.67
C PHE A 324 4.51 13.83 14.26
N ILE A 325 5.32 14.22 15.25
CA ILE A 325 6.58 14.91 14.97
C ILE A 325 7.48 14.05 14.09
N MET A 326 7.55 12.75 14.37
CA MET A 326 8.46 11.90 13.61
C MET A 326 8.13 11.94 12.12
N ASP A 327 6.88 12.23 11.76
CA ASP A 327 6.50 12.41 10.36
C ASP A 327 6.91 13.77 9.79
N LEU A 328 7.07 14.79 10.64
CA LEU A 328 7.25 16.15 10.17
C LEU A 328 8.71 16.56 10.00
N VAL A 329 9.65 15.89 10.69
CA VAL A 329 11.03 16.36 10.69
C VAL A 329 11.61 16.38 9.29
N SER A 330 11.11 15.53 8.39
CA SER A 330 11.66 15.49 7.04
C SER A 330 11.09 16.60 6.15
N SER A 331 10.16 17.40 6.66
CA SER A 331 9.70 18.61 5.99
C SER A 331 10.34 19.87 6.54
N LEU A 332 11.30 19.73 7.45
CA LEU A 332 11.99 20.85 8.07
C LEU A 332 13.41 20.96 7.51
N SER A 333 14.27 21.70 8.22
CA SER A 333 15.60 22.00 7.72
C SER A 333 16.48 20.73 7.74
N ARG A 334 17.63 20.86 7.07
CA ARG A 334 18.60 19.76 7.00
C ARG A 334 18.89 19.18 8.37
N THR A 335 19.11 20.04 9.37
CA THR A 335 19.45 19.54 10.70
C THR A 335 18.37 18.60 11.23
N TYR A 336 17.10 18.96 11.05
CA TYR A 336 16.01 18.07 11.46
C TYR A 336 15.94 16.84 10.57
N LYS A 337 16.16 17.00 9.26
CA LYS A 337 16.14 15.86 8.37
C LYS A 337 17.17 14.81 8.79
N GLU A 338 18.38 15.27 9.15
CA GLU A 338 19.47 14.34 9.44
C GLU A 338 19.22 13.53 10.71
N SER A 339 18.38 14.04 11.63
CA SER A 339 18.12 13.32 12.87
C SER A 339 17.49 11.96 12.62
N ARG A 340 16.94 11.73 11.42
CA ARG A 340 16.26 10.49 11.08
C ARG A 340 17.18 9.45 10.45
N ASN A 341 18.46 9.76 10.25
CA ASN A 341 19.32 8.92 9.42
C ASN A 341 19.43 7.49 9.95
N ALA A 342 19.76 7.33 11.24
CA ALA A 342 19.98 5.98 11.77
C ALA A 342 18.67 5.20 11.82
N PHE A 343 17.56 5.87 12.13
CA PHE A 343 16.26 5.21 12.13
C PHE A 343 15.91 4.71 10.73
N ARG A 344 16.11 5.56 9.71
CA ARG A 344 15.86 5.14 8.33
C ARG A 344 16.73 3.97 7.94
N LYS A 345 18.02 4.01 8.28
CA LYS A 345 18.90 2.90 7.93
C LYS A 345 18.44 1.60 8.60
N ALA A 346 17.94 1.69 9.83
CA ALA A 346 17.55 0.48 10.55
C ALA A 346 16.29 -0.16 9.96
N LEU A 347 15.36 0.65 9.46
CA LEU A 347 14.12 0.12 8.91
C LEU A 347 14.22 -0.23 7.44
N TYR A 348 15.11 0.46 6.71
CA TYR A 348 15.17 0.35 5.26
C TYR A 348 16.55 0.02 4.71
N GLY A 349 17.61 0.16 5.50
CA GLY A 349 18.96 -0.10 5.04
C GLY A 349 19.57 0.97 4.18
N THR A 350 18.83 2.04 3.89
CA THR A 350 19.31 3.09 3.01
C THR A 350 20.24 4.04 3.77
N THR A 351 21.22 4.58 3.03
CA THR A 351 22.21 5.48 3.59
C THR A 351 21.99 6.93 3.19
N SER A 352 20.98 7.20 2.37
CA SER A 352 20.73 8.52 1.82
C SER A 352 19.25 8.59 1.45
N GLU A 353 18.69 9.79 1.51
CA GLU A 353 17.34 10.00 1.01
C GLU A 353 17.38 10.13 -0.50
N THR A 354 16.28 9.76 -1.15
CA THR A 354 16.18 9.92 -2.60
C THR A 354 16.27 11.40 -2.95
N ALA A 355 16.55 11.66 -4.23
CA ALA A 355 16.67 13.02 -4.72
C ALA A 355 15.46 13.85 -4.33
N THR A 356 15.71 15.11 -3.97
CA THR A 356 14.62 15.99 -3.56
C THR A 356 13.53 16.05 -4.62
N TRP A 357 13.90 16.18 -5.90
CA TRP A 357 12.88 16.30 -6.93
C TRP A 357 12.05 15.03 -7.04
N ARG A 358 12.62 13.87 -6.70
CA ARG A 358 11.85 12.64 -6.74
C ARG A 358 10.84 12.59 -5.59
N ARG A 359 11.28 12.86 -4.37
CA ARG A 359 10.37 12.93 -3.24
C ARG A 359 9.25 13.93 -3.51
N CYS A 360 9.59 15.07 -4.09
CA CYS A 360 8.62 16.12 -4.32
C CYS A 360 7.63 15.76 -5.41
N ALA A 361 8.12 15.20 -6.52
CA ALA A 361 7.21 14.73 -7.56
C ALA A 361 6.22 13.72 -6.99
N ASN A 362 6.70 12.77 -6.18
CA ASN A 362 5.80 11.77 -5.60
C ASN A 362 4.83 12.40 -4.62
N TYR A 363 5.28 13.39 -3.85
CA TYR A 363 4.40 14.05 -2.89
C TYR A 363 3.26 14.75 -3.61
N VAL A 364 3.56 15.50 -4.68
CA VAL A 364 2.52 16.19 -5.41
C VAL A 364 1.58 15.20 -6.07
N ASN A 365 2.11 14.12 -6.62
CA ASN A 365 1.28 13.08 -7.23
C ASN A 365 0.37 12.44 -6.18
N GLY A 366 0.87 12.23 -4.97
CA GLY A 366 0.06 11.61 -3.93
C GLY A 366 -1.07 12.49 -3.42
N ASN A 367 -0.90 13.81 -3.49
CA ASN A 367 -1.89 14.73 -2.96
C ASN A 367 -2.76 15.38 -4.03
N MET A 368 -2.32 15.36 -5.29
CA MET A 368 -3.10 15.90 -6.40
C MET A 368 -3.09 14.89 -7.54
N GLU A 369 -3.61 13.69 -7.26
CA GLU A 369 -3.44 12.56 -8.17
C GLU A 369 -4.12 12.83 -9.51
N ASN A 370 -5.21 13.59 -9.53
CA ASN A 370 -5.89 13.82 -10.80
C ASN A 370 -5.20 14.89 -11.63
N ALA A 371 -4.71 15.95 -11.00
CA ALA A 371 -3.97 16.97 -11.73
C ALA A 371 -2.68 16.38 -12.30
N VAL A 372 -1.94 15.64 -11.48
CA VAL A 372 -0.71 15.04 -11.98
C VAL A 372 -1.03 13.93 -12.98
N GLY A 373 -2.10 13.18 -12.75
CA GLY A 373 -2.50 12.16 -13.70
C GLY A 373 -2.76 12.72 -15.08
N ARG A 374 -3.44 13.87 -15.14
CA ARG A 374 -3.69 14.55 -16.41
C ARG A 374 -2.40 14.87 -17.12
N LEU A 375 -1.45 15.48 -16.40
CA LEU A 375 -0.17 15.83 -17.01
C LEU A 375 0.59 14.60 -17.47
N TYR A 376 0.51 13.52 -16.68
CA TYR A 376 1.23 12.30 -17.00
C TYR A 376 0.69 11.65 -18.27
N VAL A 377 -0.64 11.49 -18.36
CA VAL A 377 -1.17 10.76 -19.51
C VAL A 377 -1.00 11.56 -20.79
N GLU A 378 -1.10 12.90 -20.71
CA GLU A 378 -0.86 13.72 -21.89
C GLU A 378 0.57 13.58 -22.38
N ALA A 379 1.52 13.32 -21.48
CA ALA A 379 2.91 13.17 -21.86
C ALA A 379 3.27 11.75 -22.29
N ALA A 380 2.67 10.73 -21.67
CA ALA A 380 3.25 9.40 -21.72
C ALA A 380 2.32 8.25 -22.11
N PHE A 381 1.04 8.49 -22.33
CA PHE A 381 0.09 7.40 -22.50
C PHE A 381 -0.57 7.45 -23.88
N ALA A 382 -0.49 6.35 -24.62
CA ALA A 382 -0.91 6.29 -26.01
C ALA A 382 -2.41 6.03 -26.14
N GLY A 383 -2.98 6.48 -27.26
CA GLY A 383 -4.40 6.39 -27.52
C GLY A 383 -5.04 5.02 -27.45
N GLU A 384 -4.87 4.20 -28.49
CA GLU A 384 -5.60 2.95 -28.62
C GLU A 384 -5.27 1.94 -27.51
N SER A 385 -4.23 2.19 -26.71
CA SER A 385 -3.90 1.30 -25.60
C SER A 385 -5.13 0.98 -24.76
N LYS A 386 -5.88 2.00 -24.38
CA LYS A 386 -7.03 1.79 -23.50
C LYS A 386 -7.95 0.71 -24.05
N HIS A 387 -8.25 0.77 -25.34
CA HIS A 387 -9.22 -0.16 -25.93
C HIS A 387 -8.67 -1.57 -26.00
N VAL A 388 -7.37 -1.72 -26.26
CA VAL A 388 -6.76 -3.05 -26.29
C VAL A 388 -6.85 -3.71 -24.92
N VAL A 389 -6.57 -2.94 -23.86
CA VAL A 389 -6.60 -3.50 -22.51
C VAL A 389 -8.03 -3.83 -22.11
N GLU A 390 -8.99 -2.98 -22.51
CA GLU A 390 -10.40 -3.31 -22.27
C GLU A 390 -10.73 -4.70 -22.83
N ASP A 391 -10.29 -4.98 -24.05
CA ASP A 391 -10.57 -6.25 -24.67
C ASP A 391 -9.87 -7.40 -23.95
N LEU A 392 -8.65 -7.17 -23.47
CA LEU A 392 -7.96 -8.21 -22.70
C LEU A 392 -8.70 -8.51 -21.39
N ILE A 393 -9.23 -7.47 -20.74
CA ILE A 393 -10.01 -7.68 -19.52
C ILE A 393 -11.23 -8.52 -19.82
N ALA A 394 -11.91 -8.24 -20.94
CA ALA A 394 -13.10 -9.01 -21.30
C ALA A 394 -12.76 -10.47 -21.52
N GLN A 395 -11.64 -10.76 -22.16
CA GLN A 395 -11.21 -12.14 -22.35
C GLN A 395 -10.98 -12.83 -21.02
N ILE A 396 -10.24 -12.19 -20.12
CA ILE A 396 -9.85 -12.85 -18.88
C ILE A 396 -11.04 -12.99 -17.94
N ARG A 397 -11.94 -11.99 -17.92
CA ARG A 397 -13.17 -12.14 -17.17
C ARG A 397 -13.92 -13.39 -17.64
N GLU A 398 -14.03 -13.57 -18.95
CA GLU A 398 -14.74 -14.74 -19.48
C GLU A 398 -14.01 -16.03 -19.15
N VAL A 399 -12.67 -16.01 -19.15
CA VAL A 399 -11.93 -17.21 -18.78
C VAL A 399 -12.21 -17.57 -17.33
N PHE A 400 -12.24 -16.59 -16.43
CA PHE A 400 -12.57 -16.88 -15.04
C PHE A 400 -13.93 -17.58 -14.94
N ILE A 401 -14.93 -17.05 -15.63
CA ILE A 401 -16.28 -17.60 -15.55
C ILE A 401 -16.32 -19.02 -16.13
N GLN A 402 -15.62 -19.24 -17.24
CA GLN A 402 -15.60 -20.57 -17.84
C GLN A 402 -14.90 -21.58 -16.93
N THR A 403 -13.83 -21.16 -16.26
CA THR A 403 -13.11 -22.06 -15.38
C THR A 403 -13.97 -22.56 -14.23
N LEU A 404 -15.01 -21.81 -13.85
CA LEU A 404 -15.87 -22.23 -12.74
C LEU A 404 -16.43 -23.63 -12.98
N ASP A 405 -16.73 -23.97 -14.24
CA ASP A 405 -17.29 -25.28 -14.54
C ASP A 405 -16.30 -26.40 -14.25
N ASP A 406 -15.01 -26.13 -14.43
CA ASP A 406 -13.98 -27.14 -14.23
C ASP A 406 -13.63 -27.34 -12.76
N LEU A 407 -14.01 -26.41 -11.89
CA LEU A 407 -13.60 -26.47 -10.49
C LEU A 407 -14.51 -27.45 -9.74
N THR A 408 -13.91 -28.53 -9.22
CA THR A 408 -14.67 -29.59 -8.60
C THR A 408 -15.01 -29.33 -7.14
N TRP A 409 -14.40 -28.31 -6.52
CA TRP A 409 -14.55 -28.11 -5.09
C TRP A 409 -15.69 -27.13 -4.75
N MET A 410 -16.47 -26.71 -5.73
CA MET A 410 -17.63 -25.85 -5.50
C MET A 410 -18.89 -26.52 -6.04
N ASP A 411 -20.01 -26.33 -5.33
CA ASP A 411 -21.29 -26.79 -5.83
C ASP A 411 -21.87 -25.77 -6.82
N ALA A 412 -22.92 -26.21 -7.51
CA ALA A 412 -23.48 -25.40 -8.61
C ALA A 412 -24.01 -24.07 -8.10
N GLU A 413 -24.69 -24.06 -6.95
CA GLU A 413 -25.24 -22.83 -6.43
C GLU A 413 -24.15 -21.78 -6.21
N THR A 414 -23.05 -22.17 -5.57
CA THR A 414 -21.98 -21.22 -5.31
C THR A 414 -21.30 -20.77 -6.60
N LYS A 415 -21.20 -21.66 -7.59
CA LYS A 415 -20.63 -21.27 -8.88
C LYS A 415 -21.47 -20.20 -9.54
N LYS A 416 -22.80 -20.35 -9.49
CA LYS A 416 -23.67 -19.33 -10.06
C LYS A 416 -23.48 -17.99 -9.38
N ARG A 417 -23.34 -17.98 -8.05
CA ARG A 417 -23.11 -16.74 -7.33
C ARG A 417 -21.76 -16.14 -7.66
N ALA A 418 -20.76 -16.99 -7.92
CA ALA A 418 -19.43 -16.50 -8.30
C ALA A 418 -19.47 -15.86 -9.68
N GLU A 419 -20.19 -16.47 -10.62
CA GLU A 419 -20.37 -15.88 -11.94
C GLU A 419 -21.08 -14.54 -11.85
N GLU A 420 -22.14 -14.47 -11.03
CA GLU A 420 -22.83 -13.19 -10.83
C GLU A 420 -21.85 -12.10 -10.41
N LYS A 421 -20.97 -12.40 -9.45
CA LYS A 421 -20.04 -11.38 -8.99
C LYS A 421 -19.02 -11.03 -10.08
N ALA A 422 -18.49 -12.04 -10.77
CA ALA A 422 -17.50 -11.78 -11.80
C ALA A 422 -18.06 -10.90 -12.91
N LEU A 423 -19.33 -11.11 -13.27
CA LEU A 423 -19.96 -10.31 -14.30
C LEU A 423 -20.18 -8.86 -13.85
N ALA A 424 -20.24 -8.63 -12.54
CA ALA A 424 -20.51 -7.31 -11.99
C ALA A 424 -19.24 -6.49 -11.72
N ILE A 425 -18.05 -7.09 -11.83
CA ILE A 425 -16.82 -6.35 -11.57
C ILE A 425 -16.73 -5.16 -12.52
N LYS A 426 -16.45 -3.99 -11.96
CA LYS A 426 -16.36 -2.76 -12.73
C LYS A 426 -14.89 -2.48 -13.05
N GLU A 427 -14.59 -2.28 -14.32
N GLU A 427 -14.58 -2.33 -14.34
CA GLU A 427 -13.21 -2.11 -14.77
CA GLU A 427 -13.23 -2.08 -14.79
C GLU A 427 -12.91 -0.64 -15.02
C GLU A 427 -12.96 -0.57 -14.85
N ARG A 428 -11.71 -0.22 -14.62
CA ARG A 428 -11.23 1.15 -14.81
C ARG A 428 -9.87 1.06 -15.48
N ILE A 429 -9.72 1.66 -16.66
CA ILE A 429 -8.51 1.50 -17.46
C ILE A 429 -7.88 2.85 -17.75
N GLY A 430 -6.61 3.00 -17.39
CA GLY A 430 -5.83 4.14 -17.82
C GLY A 430 -6.02 5.35 -16.94
N TYR A 431 -7.07 6.13 -17.20
CA TYR A 431 -7.34 7.33 -16.43
C TYR A 431 -8.80 7.72 -16.64
N PRO A 432 -9.40 8.45 -15.70
CA PRO A 432 -10.76 8.97 -15.92
C PRO A 432 -10.73 10.04 -16.99
N ASP A 433 -11.55 9.87 -18.02
CA ASP A 433 -11.50 10.79 -19.15
C ASP A 433 -11.65 12.25 -18.72
N ASP A 434 -12.44 12.51 -17.66
CA ASP A 434 -12.73 13.91 -17.37
C ASP A 434 -11.60 14.63 -16.65
N ILE A 435 -10.52 13.96 -16.23
CA ILE A 435 -9.38 14.73 -15.74
C ILE A 435 -8.73 15.48 -16.89
N VAL A 436 -8.96 15.06 -18.13
CA VAL A 436 -8.48 15.77 -19.31
C VAL A 436 -9.55 16.69 -19.89
N SER A 437 -10.81 16.29 -19.83
CA SER A 437 -11.87 16.96 -20.59
C SER A 437 -12.71 17.93 -19.77
N ASN A 438 -12.64 17.90 -18.44
CA ASN A 438 -13.49 18.75 -17.61
C ASN A 438 -12.61 19.60 -16.70
N ASP A 439 -12.19 20.77 -17.20
CA ASP A 439 -11.34 21.66 -16.41
C ASP A 439 -12.06 22.13 -15.14
N ASN A 440 -13.34 22.52 -15.25
CA ASN A 440 -14.07 23.00 -14.08
C ASN A 440 -14.00 22.00 -12.94
N LYS A 441 -14.35 20.74 -13.22
CA LYS A 441 -14.35 19.72 -12.18
C LYS A 441 -12.97 19.55 -11.56
N LEU A 442 -11.92 19.60 -12.37
CA LEU A 442 -10.58 19.43 -11.83
C LEU A 442 -10.18 20.63 -10.98
N ASN A 443 -10.43 21.84 -11.46
CA ASN A 443 -10.18 23.02 -10.65
C ASN A 443 -10.93 22.95 -9.32
N ASN A 444 -12.20 22.56 -9.36
CA ASN A 444 -13.03 22.58 -8.16
C ASN A 444 -12.61 21.53 -7.15
N GLU A 445 -11.98 20.44 -7.60
CA GLU A 445 -11.45 19.46 -6.65
C GLU A 445 -10.43 20.10 -5.71
N TYR A 446 -9.71 21.12 -6.20
CA TYR A 446 -8.62 21.73 -5.45
C TYR A 446 -8.94 23.16 -5.04
N LEU A 447 -10.19 23.59 -5.16
CA LEU A 447 -10.52 25.01 -5.00
C LEU A 447 -10.15 25.54 -3.62
N GLU A 448 -10.26 24.70 -2.59
CA GLU A 448 -10.02 25.14 -1.22
C GLU A 448 -8.54 25.15 -0.86
N LEU A 449 -7.66 24.77 -1.77
CA LEU A 449 -6.23 24.75 -1.54
C LEU A 449 -5.60 26.02 -2.09
N ASN A 450 -4.70 26.62 -1.31
CA ASN A 450 -3.99 27.83 -1.71
C ASN A 450 -2.56 27.69 -1.22
N TYR A 451 -1.63 27.44 -2.14
CA TYR A 451 -0.24 27.21 -1.78
C TYR A 451 0.58 28.49 -1.91
N LYS A 452 1.59 28.60 -1.07
CA LYS A 452 2.59 29.66 -1.15
C LYS A 452 3.94 29.01 -1.44
N GLU A 453 4.69 29.57 -2.37
CA GLU A 453 5.87 28.86 -2.86
C GLU A 453 7.03 28.92 -1.88
N ASP A 454 7.01 29.81 -0.91
CA ASP A 454 8.04 29.85 0.12
C ASP A 454 7.59 29.20 1.43
N GLU A 455 6.48 28.46 1.42
CA GLU A 455 5.91 27.90 2.64
C GLU A 455 5.55 26.43 2.45
N TYR A 456 6.57 25.60 2.19
CA TYR A 456 6.32 24.17 2.02
C TYR A 456 5.61 23.57 3.23
N PHE A 457 6.06 23.92 4.43
CA PHE A 457 5.48 23.31 5.64
C PHE A 457 4.00 23.68 5.76
N GLU A 458 3.66 24.96 5.57
CA GLU A 458 2.26 25.33 5.61
C GLU A 458 1.46 24.61 4.54
N ASN A 459 2.08 24.35 3.39
CA ASN A 459 1.39 23.64 2.31
C ASN A 459 1.09 22.20 2.70
N ILE A 460 2.06 21.49 3.30
CA ILE A 460 1.78 20.10 3.65
C ILE A 460 0.79 20.02 4.81
N ILE A 461 0.84 20.98 5.75
CA ILE A 461 -0.13 21.01 6.83
C ILE A 461 -1.53 21.25 6.25
N GLN A 462 -1.64 22.18 5.31
CA GLN A 462 -2.90 22.41 4.62
C GLN A 462 -3.43 21.13 3.99
N ASN A 463 -2.52 20.32 3.41
CA ASN A 463 -2.96 19.09 2.77
C ASN A 463 -3.43 18.06 3.79
N LEU A 464 -2.77 17.97 4.94
CA LEU A 464 -3.25 17.08 5.98
C LEU A 464 -4.68 17.44 6.39
N LYS A 465 -4.92 18.74 6.66
CA LYS A 465 -6.25 19.19 7.05
C LYS A 465 -7.27 18.93 5.96
N PHE A 466 -6.92 19.20 4.71
CA PHE A 466 -7.86 19.04 3.60
C PHE A 466 -8.32 17.61 3.47
N SER A 467 -7.37 16.66 3.43
CA SER A 467 -7.73 15.28 3.16
C SER A 467 -8.48 14.66 4.32
N GLN A 468 -8.23 15.12 5.56
CA GLN A 468 -8.98 14.61 6.70
C GLN A 468 -10.37 15.24 6.77
N SER A 469 -10.47 16.53 6.47
CA SER A 469 -11.78 17.16 6.39
C SER A 469 -12.65 16.49 5.33
N LYS A 470 -12.08 16.20 4.16
CA LYS A 470 -12.81 15.50 3.12
C LYS A 470 -13.35 14.17 3.62
N GLN A 471 -12.50 13.38 4.28
N GLN A 471 -12.48 13.37 4.24
CA GLN A 471 -12.92 12.04 4.66
CA GLN A 471 -12.87 12.04 4.70
C GLN A 471 -14.00 12.08 5.73
C GLN A 471 -14.03 12.13 5.69
N LEU A 472 -13.90 13.00 6.69
CA LEU A 472 -14.90 13.07 7.75
C LEU A 472 -16.25 13.54 7.22
N LYS A 473 -16.24 14.51 6.30
CA LYS A 473 -17.49 15.05 5.76
C LYS A 473 -18.31 14.00 5.02
N LYS A 474 -17.72 12.86 4.68
CA LYS A 474 -18.44 11.84 3.91
C LYS A 474 -19.39 11.01 4.74
N LEU A 475 -19.46 11.24 6.06
CA LEU A 475 -20.17 10.30 6.93
C LEU A 475 -21.63 10.14 6.52
N ARG A 476 -22.32 11.23 6.21
CA ARG A 476 -23.73 11.17 5.84
C ARG A 476 -23.95 11.12 4.34
N GLU A 477 -22.88 11.01 3.56
CA GLU A 477 -22.98 11.02 2.11
C GLU A 477 -22.93 9.61 1.56
N LYS A 478 -23.51 9.42 0.38
CA LYS A 478 -23.41 8.15 -0.32
C LYS A 478 -22.02 8.00 -0.94
N VAL A 479 -21.58 6.76 -1.10
CA VAL A 479 -20.33 6.48 -1.79
C VAL A 479 -20.47 6.87 -3.26
N ASP A 480 -19.45 7.55 -3.78
CA ASP A 480 -19.46 8.03 -5.16
C ASP A 480 -18.95 6.90 -6.06
N LYS A 481 -19.86 6.29 -6.82
CA LYS A 481 -19.50 5.14 -7.64
C LYS A 481 -18.54 5.50 -8.78
N ASP A 482 -18.45 6.78 -9.16
CA ASP A 482 -17.56 7.18 -10.25
C ASP A 482 -16.12 7.37 -9.80
N GLU A 483 -15.85 7.35 -8.51
CA GLU A 483 -14.50 7.64 -8.01
C GLU A 483 -13.56 6.48 -8.31
N TRP A 484 -12.33 6.81 -8.72
CA TRP A 484 -11.30 5.82 -8.99
C TRP A 484 -10.48 5.56 -7.74
N ILE A 485 -10.09 4.30 -7.54
CA ILE A 485 -9.33 3.95 -6.34
C ILE A 485 -7.83 4.15 -6.51
N SER A 486 -7.41 4.72 -7.65
CA SER A 486 -6.00 5.05 -7.85
C SER A 486 -5.90 6.17 -8.86
N GLY A 487 -4.89 7.02 -8.68
CA GLY A 487 -4.51 7.94 -9.73
C GLY A 487 -3.89 7.21 -10.91
N ALA A 488 -3.76 7.93 -12.02
CA ALA A 488 -3.26 7.33 -13.25
C ALA A 488 -1.74 7.18 -13.27
N ALA A 489 -1.02 8.07 -12.59
CA ALA A 489 0.45 8.06 -12.65
C ALA A 489 1.01 7.13 -11.56
N VAL A 490 0.67 5.86 -11.70
CA VAL A 490 0.94 4.83 -10.70
C VAL A 490 1.32 3.55 -11.43
N VAL A 491 2.43 2.94 -11.04
CA VAL A 491 2.82 1.65 -11.58
C VAL A 491 2.33 0.59 -10.60
N ASN A 492 1.07 0.20 -10.73
CA ASN A 492 0.43 -0.77 -9.86
C ASN A 492 -0.92 -1.12 -10.49
N ALA A 493 -1.63 -2.04 -9.86
CA ALA A 493 -3.02 -2.35 -10.19
C ALA A 493 -3.74 -2.67 -8.88
N PHE A 494 -5.06 -2.57 -8.90
CA PHE A 494 -5.81 -2.61 -7.65
C PHE A 494 -7.15 -3.31 -7.79
N TYR A 495 -7.62 -3.87 -6.67
CA TYR A 495 -8.98 -4.36 -6.53
C TYR A 495 -9.60 -3.79 -5.27
N SER A 496 -10.87 -3.40 -5.34
CA SER A 496 -11.61 -2.91 -4.19
C SER A 496 -12.81 -3.82 -3.96
N SER A 497 -12.89 -4.44 -2.78
N SER A 497 -12.85 -4.48 -2.79
CA SER A 497 -14.01 -5.33 -2.49
CA SER A 497 -14.00 -5.31 -2.44
C SER A 497 -15.29 -4.56 -2.16
C SER A 497 -15.27 -4.47 -2.33
N GLY A 498 -15.17 -3.35 -1.62
CA GLY A 498 -16.35 -2.55 -1.33
C GLY A 498 -16.97 -1.93 -2.57
N ARG A 499 -16.17 -1.69 -3.60
CA ARG A 499 -16.69 -1.22 -4.87
C ARG A 499 -16.79 -2.33 -5.91
N ASN A 500 -16.22 -3.50 -5.63
CA ASN A 500 -16.07 -4.57 -6.61
C ASN A 500 -15.57 -3.99 -7.94
N GLN A 501 -14.40 -3.36 -7.85
CA GLN A 501 -13.78 -2.60 -8.94
C GLN A 501 -12.33 -3.02 -9.12
N ILE A 502 -11.91 -3.20 -10.37
CA ILE A 502 -10.51 -3.42 -10.72
C ILE A 502 -10.02 -2.20 -11.49
N VAL A 503 -8.77 -1.79 -11.22
CA VAL A 503 -8.20 -0.60 -11.85
C VAL A 503 -6.82 -0.93 -12.39
N PHE A 504 -6.54 -0.47 -13.60
CA PHE A 504 -5.24 -0.61 -14.25
C PHE A 504 -4.82 0.79 -14.67
N PRO A 505 -4.12 1.51 -13.79
CA PRO A 505 -3.68 2.87 -14.13
C PRO A 505 -2.74 2.89 -15.32
N ALA A 506 -2.72 4.04 -16.01
CA ALA A 506 -1.85 4.21 -17.16
C ALA A 506 -0.42 3.81 -16.86
N GLY A 507 0.04 4.03 -15.63
CA GLY A 507 1.43 3.77 -15.28
C GLY A 507 1.85 2.32 -15.42
N ILE A 508 0.91 1.38 -15.34
CA ILE A 508 1.25 -0.03 -15.48
C ILE A 508 1.01 -0.55 -16.89
N LEU A 509 0.43 0.26 -17.77
CA LEU A 509 0.13 -0.17 -19.14
C LEU A 509 1.30 0.19 -20.07
N GLN A 510 2.44 -0.43 -19.79
CA GLN A 510 3.67 -0.20 -20.53
C GLN A 510 4.54 -1.44 -20.39
N PRO A 511 5.58 -1.56 -21.21
CA PRO A 511 6.46 -2.72 -21.10
C PRO A 511 7.08 -2.77 -19.71
N PRO A 512 7.34 -3.98 -19.18
CA PRO A 512 7.19 -5.29 -19.81
C PRO A 512 5.77 -5.84 -19.78
N PHE A 513 4.87 -5.14 -19.09
CA PHE A 513 3.51 -5.64 -18.91
C PHE A 513 2.73 -5.61 -20.21
N PHE A 514 2.78 -4.50 -20.93
CA PHE A 514 1.91 -4.31 -22.06
C PHE A 514 2.50 -3.34 -23.08
N SER A 515 2.36 -3.71 -24.35
CA SER A 515 2.52 -2.80 -25.46
C SER A 515 1.71 -3.37 -26.62
N ALA A 516 0.99 -2.50 -27.33
CA ALA A 516 0.24 -2.97 -28.49
C ALA A 516 1.16 -3.55 -29.56
N GLN A 517 2.47 -3.25 -29.48
N GLN A 517 2.46 -3.26 -29.51
CA GLN A 517 3.42 -3.67 -30.49
CA GLN A 517 3.38 -3.74 -30.53
C GLN A 517 4.35 -4.79 -30.03
C GLN A 517 4.27 -4.88 -30.07
N GLN A 518 4.21 -5.29 -28.80
CA GLN A 518 5.00 -6.41 -28.34
C GLN A 518 4.20 -7.71 -28.50
N SER A 519 4.92 -8.83 -28.52
CA SER A 519 4.28 -10.11 -28.75
C SER A 519 3.19 -10.36 -27.73
N ASN A 520 2.15 -11.09 -28.14
CA ASN A 520 1.02 -11.33 -27.26
C ASN A 520 1.39 -12.26 -26.12
N SER A 521 2.30 -13.22 -26.33
CA SER A 521 2.79 -14.02 -25.22
C SER A 521 3.26 -13.13 -24.08
N LEU A 522 3.97 -12.06 -24.41
CA LEU A 522 4.46 -11.13 -23.40
C LEU A 522 3.32 -10.35 -22.76
N ASN A 523 2.35 -9.89 -23.56
CA ASN A 523 1.24 -9.15 -22.99
C ASN A 523 0.42 -10.02 -22.04
N TYR A 524 0.11 -11.25 -22.44
CA TYR A 524 -0.67 -12.12 -21.55
C TYR A 524 0.12 -12.47 -20.29
N GLY A 525 1.41 -12.79 -20.44
CA GLY A 525 2.23 -13.09 -19.28
C GLY A 525 2.47 -11.89 -18.38
N GLY A 526 2.37 -10.68 -18.92
CA GLY A 526 2.53 -9.47 -18.14
C GLY A 526 1.20 -8.93 -17.68
N ILE A 527 0.58 -8.05 -18.47
CA ILE A 527 -0.66 -7.41 -18.03
C ILE A 527 -1.80 -8.42 -17.94
N GLY A 528 -1.82 -9.45 -18.79
CA GLY A 528 -2.84 -10.47 -18.67
C GLY A 528 -2.86 -11.08 -17.29
N MET A 529 -1.68 -11.44 -16.79
CA MET A 529 -1.56 -11.98 -15.43
C MET A 529 -2.01 -10.96 -14.40
N VAL A 530 -1.63 -9.69 -14.58
CA VAL A 530 -2.06 -8.63 -13.67
C VAL A 530 -3.58 -8.54 -13.63
N ILE A 531 -4.22 -8.63 -14.81
CA ILE A 531 -5.67 -8.54 -14.88
C ILE A 531 -6.29 -9.70 -14.12
N GLY A 532 -5.80 -10.92 -14.36
CA GLY A 532 -6.33 -12.07 -13.63
C GLY A 532 -6.08 -11.96 -12.14
N HIS A 533 -4.90 -11.47 -11.75
CA HIS A 533 -4.57 -11.24 -10.36
C HIS A 533 -5.64 -10.39 -9.68
N GLU A 534 -5.98 -9.26 -10.30
CA GLU A 534 -6.93 -8.34 -9.69
C GLU A 534 -8.35 -8.90 -9.67
N ILE A 535 -8.77 -9.57 -10.74
CA ILE A 535 -10.07 -10.22 -10.72
C ILE A 535 -10.12 -11.27 -9.63
N THR A 536 -9.05 -12.04 -9.48
CA THR A 536 -9.03 -13.10 -8.49
C THR A 536 -9.05 -12.56 -7.07
N HIS A 537 -8.66 -11.30 -6.87
CA HIS A 537 -8.80 -10.69 -5.54
C HIS A 537 -10.26 -10.61 -5.11
N GLY A 538 -11.18 -10.53 -6.07
CA GLY A 538 -12.60 -10.59 -5.74
C GLY A 538 -13.03 -11.93 -5.19
N PHE A 539 -12.13 -12.90 -5.16
CA PHE A 539 -12.47 -14.26 -4.77
C PHE A 539 -11.41 -14.86 -3.86
N ASP A 540 -10.57 -14.03 -3.22
CA ASP A 540 -9.54 -14.55 -2.33
C ASP A 540 -10.12 -14.64 -0.91
N ASP A 541 -9.26 -14.90 0.08
CA ASP A 541 -9.77 -15.13 1.42
C ASP A 541 -10.45 -13.89 2.00
N ASN A 542 -10.17 -12.71 1.46
CA ASN A 542 -10.93 -11.51 1.80
C ASN A 542 -12.10 -11.30 0.85
N GLY A 543 -11.78 -11.14 -0.45
CA GLY A 543 -12.77 -10.72 -1.42
C GLY A 543 -13.97 -11.65 -1.51
N ARG A 544 -13.75 -12.96 -1.34
CA ARG A 544 -14.86 -13.90 -1.49
C ARG A 544 -15.99 -13.63 -0.51
N ASN A 545 -15.73 -12.85 0.55
CA ASN A 545 -16.75 -12.55 1.54
C ASN A 545 -17.66 -11.40 1.14
N PHE A 546 -17.37 -10.73 0.04
CA PHE A 546 -18.15 -9.59 -0.44
C PHE A 546 -18.89 -9.99 -1.72
N ASN A 547 -20.11 -9.51 -1.87
CA ASN A 547 -20.94 -9.92 -2.99
C ASN A 547 -20.74 -8.98 -4.18
N LYS A 548 -21.65 -9.05 -5.16
CA LYS A 548 -21.47 -8.31 -6.41
C LYS A 548 -21.55 -6.80 -6.22
N ASP A 549 -22.23 -6.34 -5.17
CA ASP A 549 -22.39 -4.91 -4.93
C ASP A 549 -21.42 -4.37 -3.88
N GLY A 550 -20.48 -5.19 -3.41
CA GLY A 550 -19.52 -4.76 -2.43
C GLY A 550 -19.94 -4.93 -0.98
N ASP A 551 -20.97 -5.72 -0.72
CA ASP A 551 -21.48 -5.91 0.63
C ASP A 551 -20.92 -7.19 1.24
N LEU A 552 -20.55 -7.10 2.51
CA LEU A 552 -20.01 -8.22 3.29
C LEU A 552 -21.18 -9.13 3.64
N VAL A 553 -21.49 -10.06 2.73
CA VAL A 553 -22.58 -11.01 2.92
C VAL A 553 -22.13 -12.38 2.42
N ASP A 554 -22.47 -13.42 3.16
CA ASP A 554 -22.05 -14.79 2.83
C ASP A 554 -22.88 -15.30 1.66
N TRP A 555 -22.23 -15.53 0.51
CA TRP A 555 -22.89 -16.15 -0.63
C TRP A 555 -22.37 -17.55 -0.92
N TRP A 556 -21.67 -18.15 0.04
CA TRP A 556 -21.10 -19.48 -0.11
C TRP A 556 -21.93 -20.49 0.66
N THR A 557 -22.15 -21.67 0.06
CA THR A 557 -22.66 -22.78 0.85
C THR A 557 -21.62 -23.17 1.89
N GLN A 558 -22.09 -23.86 2.95
CA GLN A 558 -21.16 -24.30 3.98
C GLN A 558 -20.05 -25.16 3.39
N GLN A 559 -20.43 -26.11 2.53
CA GLN A 559 -19.44 -27.03 2.00
C GLN A 559 -18.42 -26.32 1.10
N SER A 560 -18.90 -25.45 0.21
CA SER A 560 -17.98 -24.76 -0.70
C SER A 560 -17.05 -23.83 0.06
N ALA A 561 -17.53 -23.19 1.13
CA ALA A 561 -16.66 -22.36 1.94
C ALA A 561 -15.62 -23.21 2.67
N SER A 562 -16.06 -24.31 3.28
CA SER A 562 -15.11 -25.23 3.90
C SER A 562 -14.08 -25.71 2.89
N ASN A 563 -14.51 -26.01 1.67
CA ASN A 563 -13.58 -26.45 0.64
C ASN A 563 -12.61 -25.35 0.24
N PHE A 564 -13.09 -24.10 0.14
CA PHE A 564 -12.19 -22.99 -0.15
C PHE A 564 -11.03 -22.95 0.84
N LYS A 565 -11.33 -23.12 2.12
CA LYS A 565 -10.30 -23.09 3.15
C LYS A 565 -9.35 -24.28 3.00
N GLU A 566 -9.90 -25.45 2.70
CA GLU A 566 -9.07 -26.63 2.44
C GLU A 566 -8.12 -26.37 1.28
N GLN A 567 -8.63 -25.85 0.16
CA GLN A 567 -7.79 -25.63 -1.01
C GLN A 567 -6.74 -24.57 -0.75
N SER A 568 -7.13 -23.48 -0.08
CA SER A 568 -6.19 -22.39 0.18
C SER A 568 -5.19 -22.74 1.26
N GLN A 569 -5.52 -23.69 2.16
CA GLN A 569 -4.57 -24.09 3.19
C GLN A 569 -3.30 -24.67 2.57
N CYS A 570 -3.41 -25.35 1.43
CA CYS A 570 -2.23 -25.83 0.72
C CYS A 570 -1.24 -24.70 0.49
N MET A 571 -1.73 -23.53 0.07
CA MET A 571 -0.84 -22.42 -0.22
C MET A 571 -0.29 -21.79 1.04
N VAL A 572 -1.06 -21.79 2.14
CA VAL A 572 -0.53 -21.31 3.42
C VAL A 572 0.71 -22.10 3.79
N TYR A 573 0.63 -23.43 3.70
CA TYR A 573 1.77 -24.28 4.04
C TYR A 573 2.91 -24.12 3.03
N GLN A 574 2.58 -24.05 1.74
CA GLN A 574 3.62 -23.94 0.72
C GLN A 574 4.49 -22.71 0.93
N TYR A 575 3.87 -21.53 0.96
CA TYR A 575 4.66 -20.31 1.08
C TYR A 575 5.22 -20.14 2.49
N GLY A 576 4.51 -20.61 3.51
CA GLY A 576 5.03 -20.58 4.86
C GLY A 576 6.27 -21.43 5.05
N ASN A 577 6.51 -22.37 4.14
CA ASN A 577 7.73 -23.18 4.17
C ASN A 577 8.89 -22.54 3.43
N PHE A 578 8.68 -21.42 2.75
CA PHE A 578 9.78 -20.73 2.09
C PHE A 578 10.60 -19.97 3.12
N SER A 579 11.92 -20.19 3.10
N SER A 579 11.91 -20.22 3.12
CA SER A 579 12.84 -19.51 4.00
CA SER A 579 12.85 -19.52 3.98
C SER A 579 13.60 -18.44 3.22
C SER A 579 13.52 -18.43 3.17
N TRP A 580 13.60 -17.22 3.73
CA TRP A 580 14.13 -16.05 3.02
C TRP A 580 15.49 -15.69 3.57
N ASP A 581 16.53 -15.90 2.76
CA ASP A 581 17.89 -15.67 3.24
C ASP A 581 18.12 -14.20 3.60
N LEU A 582 17.58 -13.28 2.81
CA LEU A 582 17.78 -11.86 3.08
C LEU A 582 17.14 -11.44 4.39
N ALA A 583 16.12 -12.16 4.85
CA ALA A 583 15.47 -11.89 6.12
C ALA A 583 16.06 -12.74 7.26
N GLY A 584 17.31 -13.18 7.11
CA GLY A 584 17.93 -13.99 8.13
C GLY A 584 17.48 -15.42 8.18
N GLY A 585 16.92 -15.94 7.09
CA GLY A 585 16.42 -17.30 7.06
C GLY A 585 15.02 -17.47 7.61
N GLN A 586 14.34 -16.39 7.97
CA GLN A 586 12.99 -16.49 8.49
C GLN A 586 12.03 -17.00 7.42
N HIS A 587 10.97 -17.65 7.87
CA HIS A 587 9.93 -18.13 6.96
C HIS A 587 8.94 -17.02 6.65
N LEU A 588 8.45 -17.00 5.42
CA LEU A 588 7.34 -16.14 5.07
C LEU A 588 6.14 -16.45 5.95
N ASN A 589 5.25 -15.47 6.07
CA ASN A 589 3.97 -15.66 6.75
C ASN A 589 2.97 -16.10 5.70
N GLY A 590 2.65 -17.39 5.69
CA GLY A 590 1.77 -17.94 4.68
C GLY A 590 0.32 -17.52 4.82
N ILE A 591 -0.09 -17.11 6.02
CA ILE A 591 -1.43 -16.58 6.22
C ILE A 591 -1.51 -15.13 5.73
N ASN A 592 -0.53 -14.31 6.08
CA ASN A 592 -0.60 -12.90 5.74
C ASN A 592 -0.41 -12.67 4.25
N THR A 593 0.29 -13.56 3.55
CA THR A 593 0.48 -13.43 2.11
C THR A 593 -0.54 -14.23 1.30
N LEU A 594 -1.49 -14.89 1.97
CA LEU A 594 -2.35 -15.85 1.27
C LEU A 594 -3.15 -15.19 0.14
N GLY A 595 -3.82 -14.07 0.43
CA GLY A 595 -4.63 -13.43 -0.59
C GLY A 595 -3.84 -13.11 -1.84
N GLU A 596 -2.66 -12.52 -1.67
CA GLU A 596 -1.84 -12.19 -2.83
C GLU A 596 -1.34 -13.44 -3.53
N ASN A 597 -1.04 -14.50 -2.78
CA ASN A 597 -0.61 -15.75 -3.41
C ASN A 597 -1.76 -16.42 -4.16
N ILE A 598 -2.97 -16.38 -3.62
CA ILE A 598 -4.13 -16.87 -4.35
C ILE A 598 -4.29 -16.11 -5.66
N ALA A 599 -4.17 -14.78 -5.60
CA ALA A 599 -4.31 -13.94 -6.78
C ALA A 599 -3.24 -14.24 -7.81
N ASP A 600 -1.98 -14.42 -7.37
CA ASP A 600 -0.91 -14.76 -8.30
C ASP A 600 -1.20 -16.08 -9.01
N ASN A 601 -1.52 -17.11 -8.24
CA ASN A 601 -1.68 -18.45 -8.82
C ASN A 601 -2.89 -18.51 -9.75
N GLY A 602 -4.02 -17.95 -9.32
CA GLY A 602 -5.19 -17.95 -10.19
C GLY A 602 -5.00 -17.06 -11.40
N GLY A 603 -4.40 -15.89 -11.20
CA GLY A 603 -4.27 -14.93 -12.29
C GLY A 603 -3.37 -15.41 -13.41
N LEU A 604 -2.24 -16.03 -13.08
CA LEU A 604 -1.36 -16.53 -14.12
C LEU A 604 -2.06 -17.62 -14.93
N GLY A 605 -2.77 -18.52 -14.26
CA GLY A 605 -3.49 -19.57 -14.99
C GLY A 605 -4.57 -19.01 -15.89
N GLN A 606 -5.32 -18.03 -15.40
CA GLN A 606 -6.33 -17.38 -16.22
C GLN A 606 -5.70 -16.75 -17.45
N ALA A 607 -4.59 -16.03 -17.25
CA ALA A 607 -3.90 -15.39 -18.37
C ALA A 607 -3.37 -16.42 -19.37
N TYR A 608 -2.83 -17.54 -18.87
CA TYR A 608 -2.31 -18.56 -19.77
C TYR A 608 -3.43 -19.17 -20.61
N ARG A 609 -4.56 -19.49 -19.98
CA ARG A 609 -5.66 -20.07 -20.72
C ARG A 609 -6.23 -19.09 -21.73
N ALA A 610 -6.22 -17.80 -21.42
CA ALA A 610 -6.61 -16.81 -22.41
C ALA A 610 -5.64 -16.76 -23.58
N TYR A 611 -4.34 -16.91 -23.30
CA TYR A 611 -3.35 -16.90 -24.38
C TYR A 611 -3.52 -18.14 -25.26
N GLN A 612 -3.82 -19.30 -24.66
CA GLN A 612 -4.09 -20.49 -25.45
C GLN A 612 -5.30 -20.28 -26.36
N ASN A 613 -6.36 -19.68 -25.83
CA ASN A 613 -7.52 -19.37 -26.66
C ASN A 613 -7.14 -18.41 -27.78
N TYR A 614 -6.27 -17.45 -27.49
CA TYR A 614 -5.82 -16.53 -28.53
C TYR A 614 -5.11 -17.28 -29.65
N ILE A 615 -4.24 -18.22 -29.32
CA ILE A 615 -3.52 -18.97 -30.33
C ILE A 615 -4.50 -19.84 -31.12
N LYS A 616 -5.40 -20.52 -30.43
CA LYS A 616 -6.45 -21.30 -31.08
C LYS A 616 -7.12 -20.50 -32.19
N LYS A 617 -7.42 -19.23 -31.92
CA LYS A 617 -8.20 -18.42 -32.84
C LYS A 617 -7.33 -17.77 -33.92
N ASN A 618 -6.08 -17.42 -33.60
CA ASN A 618 -5.27 -16.59 -34.49
C ASN A 618 -3.98 -17.23 -34.99
N GLY A 619 -3.59 -18.39 -34.48
CA GLY A 619 -2.35 -19.03 -34.89
C GLY A 619 -1.15 -18.56 -34.09
N GLU A 620 -0.04 -19.26 -34.28
CA GLU A 620 1.19 -18.93 -33.56
C GLU A 620 1.75 -17.59 -34.02
N GLU A 621 2.42 -16.91 -33.11
CA GLU A 621 3.13 -15.68 -33.43
C GLU A 621 4.53 -15.99 -33.94
N LYS A 622 5.12 -15.02 -34.64
CA LYS A 622 6.50 -15.16 -35.06
C LYS A 622 7.42 -15.16 -33.85
N LEU A 623 8.49 -15.94 -33.93
CA LEU A 623 9.42 -16.11 -32.81
C LEU A 623 10.25 -14.84 -32.61
N LEU A 624 10.76 -14.69 -31.39
CA LEU A 624 11.64 -13.56 -31.11
C LEU A 624 13.08 -13.90 -31.47
N PRO A 625 13.82 -12.96 -32.05
CA PRO A 625 15.20 -13.26 -32.45
C PRO A 625 16.15 -13.29 -31.26
N GLY A 626 17.16 -14.15 -31.37
CA GLY A 626 18.16 -14.28 -30.33
C GLY A 626 17.73 -15.09 -29.12
N LEU A 627 16.53 -15.67 -29.15
CA LEU A 627 16.00 -16.46 -28.05
C LEU A 627 15.52 -17.80 -28.60
N ASP A 628 16.13 -18.89 -28.14
CA ASP A 628 15.69 -20.23 -28.53
C ASP A 628 14.57 -20.71 -27.61
N LEU A 629 13.51 -19.92 -27.58
CA LEU A 629 12.37 -20.17 -26.72
C LEU A 629 11.10 -20.01 -27.53
N ASN A 630 10.15 -20.92 -27.35
CA ASN A 630 8.86 -20.80 -28.00
C ASN A 630 8.00 -19.83 -27.19
N HIS A 631 6.81 -19.52 -27.70
CA HIS A 631 6.03 -18.45 -27.09
C HIS A 631 5.34 -18.88 -25.79
N LYS A 632 5.07 -20.18 -25.62
CA LYS A 632 4.64 -20.64 -24.31
C LYS A 632 5.73 -20.38 -23.27
N GLN A 633 6.99 -20.65 -23.63
CA GLN A 633 8.09 -20.40 -22.71
C GLN A 633 8.25 -18.90 -22.44
N LEU A 634 8.10 -18.06 -23.47
CA LEU A 634 8.24 -16.63 -23.29
C LEU A 634 7.14 -16.08 -22.39
N PHE A 635 5.94 -16.67 -22.45
CA PHE A 635 4.86 -16.27 -21.55
C PHE A 635 5.32 -16.32 -20.10
N PHE A 636 5.93 -17.44 -19.70
CA PHE A 636 6.36 -17.60 -18.32
C PHE A 636 7.62 -16.80 -18.02
N LEU A 637 8.51 -16.65 -19.00
CA LEU A 637 9.71 -15.83 -18.78
C LEU A 637 9.33 -14.38 -18.50
N ASN A 638 8.36 -13.85 -19.26
CA ASN A 638 7.98 -12.45 -19.04
C ASN A 638 7.27 -12.28 -17.69
N PHE A 639 6.41 -13.23 -17.34
CA PHE A 639 5.83 -13.23 -16.00
C PHE A 639 6.93 -13.12 -14.95
N ALA A 640 7.94 -13.97 -15.05
CA ALA A 640 8.98 -13.99 -14.02
C ALA A 640 9.77 -12.69 -13.99
N GLN A 641 10.07 -12.12 -15.16
CA GLN A 641 10.92 -10.93 -15.18
C GLN A 641 10.20 -9.69 -14.65
N VAL A 642 8.87 -9.75 -14.51
CA VAL A 642 8.17 -8.71 -13.74
C VAL A 642 8.78 -8.60 -12.36
N TRP A 643 9.27 -9.71 -11.81
CA TRP A 643 9.67 -9.78 -10.40
C TRP A 643 11.17 -9.87 -10.19
N CYS A 644 11.99 -9.63 -11.22
CA CYS A 644 13.43 -9.57 -11.00
C CYS A 644 13.72 -8.44 -10.02
N GLY A 645 14.51 -8.74 -9.00
CA GLY A 645 14.84 -7.74 -8.01
C GLY A 645 15.45 -8.36 -6.78
N THR A 646 15.83 -7.49 -5.86
CA THR A 646 16.46 -7.92 -4.61
C THR A 646 16.16 -6.87 -3.54
N TYR A 647 16.52 -7.21 -2.30
CA TYR A 647 16.13 -6.44 -1.13
C TYR A 647 17.34 -6.22 -0.22
N ARG A 648 17.39 -5.08 0.44
CA ARG A 648 18.34 -4.90 1.52
C ARG A 648 17.91 -5.77 2.71
N PRO A 649 18.85 -6.38 3.44
CA PRO A 649 18.43 -7.23 4.56
C PRO A 649 17.56 -6.53 5.59
N GLU A 650 17.88 -5.27 5.92
CA GLU A 650 17.05 -4.54 6.87
C GLU A 650 15.61 -4.45 6.37
N TYR A 651 15.43 -4.23 5.08
CA TYR A 651 14.08 -4.11 4.56
C TYR A 651 13.41 -5.46 4.41
N ALA A 652 14.18 -6.53 4.20
CA ALA A 652 13.58 -7.87 4.19
C ALA A 652 13.00 -8.21 5.55
N VAL A 653 13.71 -7.84 6.62
CA VAL A 653 13.18 -8.02 7.98
C VAL A 653 11.88 -7.26 8.14
N ASN A 654 11.81 -6.06 7.56
CA ASN A 654 10.61 -5.24 7.58
C ASN A 654 9.49 -5.87 6.77
N SER A 655 9.75 -6.16 5.49
CA SER A 655 8.68 -6.56 4.58
C SER A 655 8.11 -7.93 4.93
N ILE A 656 8.92 -8.83 5.50
CA ILE A 656 8.41 -10.16 5.81
C ILE A 656 7.33 -10.08 6.88
N LYS A 657 7.32 -9.00 7.67
CA LYS A 657 6.29 -8.79 8.68
C LYS A 657 5.17 -7.87 8.21
N THR A 658 5.43 -6.96 7.27
CA THR A 658 4.47 -5.93 6.91
C THR A 658 3.87 -6.07 5.53
N ASP A 659 4.52 -6.78 4.61
CA ASP A 659 4.05 -6.89 3.25
C ASP A 659 3.03 -8.01 3.14
N VAL A 660 1.87 -7.72 2.55
CA VAL A 660 0.89 -8.78 2.27
C VAL A 660 1.22 -9.53 0.99
N HIS A 661 2.23 -9.10 0.25
CA HIS A 661 2.74 -9.83 -0.91
C HIS A 661 3.94 -10.66 -0.52
N SER A 662 4.14 -11.78 -1.21
CA SER A 662 5.38 -12.52 -1.08
C SER A 662 6.50 -11.77 -1.80
N PRO A 663 7.74 -11.98 -1.38
CA PRO A 663 8.87 -11.42 -2.14
C PRO A 663 8.87 -11.93 -3.57
N GLY A 664 9.34 -11.07 -4.48
CA GLY A 664 9.28 -11.39 -5.91
C GLY A 664 9.80 -12.77 -6.24
N ASN A 665 10.94 -13.15 -5.68
CA ASN A 665 11.50 -14.45 -6.04
C ASN A 665 10.57 -15.60 -5.66
N PHE A 666 9.82 -15.45 -4.57
CA PHE A 666 8.91 -16.52 -4.17
C PHE A 666 7.55 -16.43 -4.86
N ARG A 667 7.15 -15.24 -5.32
CA ARG A 667 6.01 -15.17 -6.23
C ARG A 667 6.28 -15.98 -7.49
N ILE A 668 7.52 -15.91 -7.99
CA ILE A 668 7.90 -16.73 -9.14
C ILE A 668 7.91 -18.20 -8.79
N ILE A 669 8.68 -18.58 -7.76
CA ILE A 669 8.86 -20.00 -7.46
C ILE A 669 7.55 -20.64 -7.05
N GLY A 670 6.82 -20.00 -6.13
CA GLY A 670 5.59 -20.61 -5.62
C GLY A 670 4.54 -20.78 -6.70
N THR A 671 4.35 -19.76 -7.53
CA THR A 671 3.34 -19.81 -8.57
C THR A 671 3.68 -20.87 -9.61
N LEU A 672 4.92 -20.87 -10.08
CA LEU A 672 5.30 -21.82 -11.14
C LEU A 672 5.39 -23.24 -10.60
N GLN A 673 5.76 -23.43 -9.33
CA GLN A 673 5.69 -24.76 -8.73
C GLN A 673 4.29 -25.35 -8.82
N ASN A 674 3.25 -24.52 -8.75
CA ASN A 674 1.87 -24.98 -8.77
C ASN A 674 1.31 -25.12 -10.18
N SER A 675 2.09 -24.74 -11.21
CA SER A 675 1.60 -24.66 -12.57
C SER A 675 2.06 -25.89 -13.35
N ALA A 676 1.12 -26.77 -13.67
CA ALA A 676 1.44 -27.89 -14.56
C ALA A 676 1.83 -27.38 -15.94
N GLU A 677 1.23 -26.27 -16.37
CA GLU A 677 1.51 -25.72 -17.69
C GLU A 677 2.95 -25.22 -17.78
N PHE A 678 3.45 -24.59 -16.71
CA PHE A 678 4.84 -24.18 -16.70
C PHE A 678 5.76 -25.38 -16.95
N SER A 679 5.53 -26.48 -16.20
CA SER A 679 6.40 -27.63 -16.31
C SER A 679 6.24 -28.34 -17.65
N GLU A 680 5.07 -28.22 -18.27
CA GLU A 680 4.90 -28.71 -19.65
C GLU A 680 5.73 -27.88 -20.61
N ALA A 681 5.76 -26.56 -20.42
CA ALA A 681 6.44 -25.68 -21.36
C ALA A 681 7.95 -25.85 -21.28
N PHE A 682 8.49 -26.12 -20.10
CA PHE A 682 9.94 -26.29 -19.94
C PHE A 682 10.32 -27.75 -19.69
N HIS A 683 9.38 -28.69 -19.85
CA HIS A 683 9.66 -30.13 -19.80
C HIS A 683 10.43 -30.50 -18.53
N CYS A 684 9.93 -30.02 -17.40
CA CYS A 684 10.56 -30.31 -16.12
C CYS A 684 10.32 -31.75 -15.70
N ARG A 685 11.39 -32.41 -15.24
CA ARG A 685 11.25 -33.75 -14.71
C ARG A 685 10.35 -33.72 -13.47
N LYS A 686 9.66 -34.83 -13.21
CA LYS A 686 8.80 -34.88 -12.04
C LYS A 686 9.64 -34.76 -10.77
N ASN A 687 9.20 -33.90 -9.87
CA ASN A 687 9.85 -33.65 -8.58
C ASN A 687 11.20 -32.97 -8.72
N SER A 688 11.49 -32.37 -9.87
CA SER A 688 12.46 -31.28 -9.88
C SER A 688 11.95 -30.17 -8.97
N TYR A 689 12.85 -29.26 -8.60
CA TYR A 689 12.48 -28.25 -7.60
C TYR A 689 11.26 -27.46 -8.05
N MET A 690 11.19 -27.13 -9.34
CA MET A 690 10.10 -26.31 -9.87
C MET A 690 8.86 -27.12 -10.22
N ASN A 691 8.89 -28.45 -10.11
CA ASN A 691 7.77 -29.29 -10.51
C ASN A 691 7.48 -30.33 -9.42
N PRO A 692 7.11 -29.87 -8.23
CA PRO A 692 6.71 -30.82 -7.17
C PRO A 692 5.43 -31.55 -7.55
N GLU A 693 5.37 -32.84 -7.19
CA GLU A 693 4.18 -33.61 -7.52
C GLU A 693 2.94 -33.00 -6.88
N LYS A 694 3.05 -32.49 -5.66
CA LYS A 694 1.93 -31.83 -5.01
C LYS A 694 1.84 -30.39 -5.47
N LYS A 695 0.69 -29.99 -6.01
CA LYS A 695 0.47 -28.64 -6.49
C LYS A 695 -0.79 -28.08 -5.85
N CYS A 696 -0.70 -26.86 -5.36
CA CYS A 696 -1.85 -26.18 -4.79
C CYS A 696 -2.69 -25.54 -5.89
N ARG A 697 -4.00 -25.52 -5.68
CA ARG A 697 -4.88 -24.84 -6.62
C ARG A 697 -6.15 -24.36 -5.92
N VAL A 698 -6.47 -23.09 -6.10
CA VAL A 698 -7.78 -22.56 -5.74
C VAL A 698 -8.49 -22.24 -7.06
N TRP A 699 -8.21 -21.06 -7.62
CA TRP A 699 -8.87 -20.64 -8.86
C TRP A 699 -8.08 -21.05 -10.10
#